data_398D
# 
_entry.id   398D 
# 
_audit_conform.dict_name       mmcif_pdbx.dic 
_audit_conform.dict_version    5.389 
_audit_conform.dict_location   http://mmcif.pdb.org/dictionaries/ascii/mmcif_pdbx.dic 
# 
loop_
_database_2.database_id 
_database_2.database_code 
_database_2.pdbx_database_accession 
_database_2.pdbx_DOI 
PDB   398D         pdb_0000398d 10.2210/pdb398d/pdb 
RCSB  AHH0114      ?            ?                   
WWPDB D_1000178862 ?            ?                   
# 
loop_
_pdbx_audit_revision_history.ordinal 
_pdbx_audit_revision_history.data_content_type 
_pdbx_audit_revision_history.major_revision 
_pdbx_audit_revision_history.minor_revision 
_pdbx_audit_revision_history.revision_date 
1 'Structure model' 1 0 1998-10-06 
2 'Structure model' 1 1 2008-05-22 
3 'Structure model' 1 2 2011-07-13 
4 'Structure model' 1 3 2024-02-21 
5 'Structure model' 1 4 2024-04-03 
# 
_pdbx_audit_revision_details.ordinal             1 
_pdbx_audit_revision_details.revision_ordinal    1 
_pdbx_audit_revision_details.data_content_type   'Structure model' 
_pdbx_audit_revision_details.provider            repository 
_pdbx_audit_revision_details.type                'Initial release' 
_pdbx_audit_revision_details.description         ? 
_pdbx_audit_revision_details.details             ? 
# 
loop_
_pdbx_audit_revision_group.ordinal 
_pdbx_audit_revision_group.revision_ordinal 
_pdbx_audit_revision_group.data_content_type 
_pdbx_audit_revision_group.group 
1 2 'Structure model' 'Version format compliance' 
2 3 'Structure model' 'Version format compliance' 
3 4 'Structure model' 'Data collection'           
4 4 'Structure model' 'Database references'       
5 5 'Structure model' 'Refinement description'    
# 
loop_
_pdbx_audit_revision_category.ordinal 
_pdbx_audit_revision_category.revision_ordinal 
_pdbx_audit_revision_category.data_content_type 
_pdbx_audit_revision_category.category 
1 4 'Structure model' chem_comp_atom                
2 4 'Structure model' chem_comp_bond                
3 4 'Structure model' database_2                    
4 4 'Structure model' diffrn_source                 
5 5 'Structure model' pdbx_initial_refinement_model 
# 
loop_
_pdbx_audit_revision_item.ordinal 
_pdbx_audit_revision_item.revision_ordinal 
_pdbx_audit_revision_item.data_content_type 
_pdbx_audit_revision_item.item 
1 4 'Structure model' '_database_2.pdbx_DOI'                 
2 4 'Structure model' '_database_2.pdbx_database_accession'  
3 4 'Structure model' '_diffrn_source.pdbx_synchrotron_site' 
# 
_pdbx_database_status.status_code                     REL 
_pdbx_database_status.entry_id                        398D 
_pdbx_database_status.recvd_initial_deposition_date   1998-05-04 
_pdbx_database_status.deposit_site                    NDB 
_pdbx_database_status.process_site                    NDB 
_pdbx_database_status.status_code_sf                  REL 
_pdbx_database_status.status_code_mr                  ? 
_pdbx_database_status.SG_entry                        ? 
_pdbx_database_status.pdb_format_compatible           Y 
_pdbx_database_status.status_code_cs                  ? 
_pdbx_database_status.status_code_nmr_data            ? 
_pdbx_database_status.methods_development_category    ? 
# 
loop_
_audit_author.name 
_audit_author.pdbx_ordinal 
'Mueller, U.'     1 
'Meier, G.'       2 
'Mochi-Onori, A.' 3 
'Cellai, L.'      4 
'Heumann, H.'     5 
# 
_citation.id                        primary 
_citation.title                     
;Crystal structure of an eight-base pair duplex containing the 3'-DNA-RNA-5' junction formed during initiation of minus-strand synthesis of HIV replication.
;
_citation.journal_abbrev            Biochemistry 
_citation.journal_volume            37 
_citation.page_first                12005 
_citation.page_last                 12011 
_citation.year                      1998 
_citation.journal_id_ASTM           BICHAW 
_citation.country                   US 
_citation.journal_id_ISSN           0006-2960 
_citation.journal_id_CSD            0033 
_citation.book_publisher            ? 
_citation.pdbx_database_id_PubMed   9724510 
_citation.pdbx_database_id_DOI      10.1021/bi981152y 
# 
loop_
_citation_author.citation_id 
_citation_author.name 
_citation_author.ordinal 
_citation_author.identifier_ORCID 
primary 'Mueller, U.'     1 ? 
primary 'Maier, G.'       2 ? 
primary 'Mochi Onori, A.' 3 ? 
primary 'Cellai, L.'      4 ? 
primary 'Heumann, H.'     5 ? 
primary 'Heinemann, U.'   6 ? 
# 
loop_
_entity.id 
_entity.type 
_entity.src_method 
_entity.pdbx_description 
_entity.formula_weight 
_entity.pdbx_number_of_molecules 
_entity.pdbx_ec 
_entity.pdbx_mutation 
_entity.pdbx_fragment 
_entity.details 
1 polymer syn 
;RNA (5'-R(*GP*CP*AP*GP*UP*GP*GP*C)-3')
;
2581.601 2  ? ? ? ? 
2 polymer syn 
;DNA/RNA (5'-R(*GP*CP*CP*AP)-D(*CP*TP*GP*C)-3')
;
2451.580 2  ? ? ? ? 
3 water   nat water                                            18.015   84 ? ? ? ? 
# 
loop_
_entity_poly.entity_id 
_entity_poly.type 
_entity_poly.nstd_linkage 
_entity_poly.nstd_monomer 
_entity_poly.pdbx_seq_one_letter_code 
_entity_poly.pdbx_seq_one_letter_code_can 
_entity_poly.pdbx_strand_id 
_entity_poly.pdbx_target_identifier 
1 polyribonucleotide                                  no no GCAGUGGC               GCAGUGGC A,C ? 
2 'polydeoxyribonucleotide/polyribonucleotide hybrid' no no 'GCCA(DC)(DT)(DG)(DC)' GCCACTGC B,D ? 
# 
_pdbx_entity_nonpoly.entity_id   3 
_pdbx_entity_nonpoly.name        water 
_pdbx_entity_nonpoly.comp_id     HOH 
# 
loop_
_entity_poly_seq.entity_id 
_entity_poly_seq.num 
_entity_poly_seq.mon_id 
_entity_poly_seq.hetero 
1 1 G  n 
1 2 C  n 
1 3 A  n 
1 4 G  n 
1 5 U  n 
1 6 G  n 
1 7 G  n 
1 8 C  n 
2 1 G  n 
2 2 C  n 
2 3 C  n 
2 4 A  n 
2 5 DC n 
2 6 DT n 
2 7 DG n 
2 8 DC n 
# 
loop_
_chem_comp.id 
_chem_comp.type 
_chem_comp.mon_nstd_flag 
_chem_comp.name 
_chem_comp.pdbx_synonyms 
_chem_comp.formula 
_chem_comp.formula_weight 
A   'RNA linking' y "ADENOSINE-5'-MONOPHOSPHATE"         ? 'C10 H14 N5 O7 P' 347.221 
C   'RNA linking' y "CYTIDINE-5'-MONOPHOSPHATE"          ? 'C9 H14 N3 O8 P'  323.197 
DC  'DNA linking' y "2'-DEOXYCYTIDINE-5'-MONOPHOSPHATE"  ? 'C9 H14 N3 O7 P'  307.197 
DG  'DNA linking' y "2'-DEOXYGUANOSINE-5'-MONOPHOSPHATE" ? 'C10 H14 N5 O7 P' 347.221 
DT  'DNA linking' y "THYMIDINE-5'-MONOPHOSPHATE"         ? 'C10 H15 N2 O8 P' 322.208 
G   'RNA linking' y "GUANOSINE-5'-MONOPHOSPHATE"         ? 'C10 H14 N5 O8 P' 363.221 
HOH non-polymer   . WATER                                ? 'H2 O'            18.015  
U   'RNA linking' y "URIDINE-5'-MONOPHOSPHATE"           ? 'C9 H13 N2 O9 P'  324.181 
# 
loop_
_pdbx_poly_seq_scheme.asym_id 
_pdbx_poly_seq_scheme.entity_id 
_pdbx_poly_seq_scheme.seq_id 
_pdbx_poly_seq_scheme.mon_id 
_pdbx_poly_seq_scheme.ndb_seq_num 
_pdbx_poly_seq_scheme.pdb_seq_num 
_pdbx_poly_seq_scheme.auth_seq_num 
_pdbx_poly_seq_scheme.pdb_mon_id 
_pdbx_poly_seq_scheme.auth_mon_id 
_pdbx_poly_seq_scheme.pdb_strand_id 
_pdbx_poly_seq_scheme.pdb_ins_code 
_pdbx_poly_seq_scheme.hetero 
A 1 1 G  1 1  1  G  G A . n 
A 1 2 C  2 2  2  C  C A . n 
A 1 3 A  3 3  3  A  A A . n 
A 1 4 G  4 4  4  G  G A . n 
A 1 5 U  5 5  5  U  U A . n 
A 1 6 G  6 6  6  G  G A . n 
A 1 7 G  7 7  7  G  G A . n 
A 1 8 C  8 8  8  C  C A . n 
B 2 1 G  1 9  9  G  G B . n 
B 2 2 C  2 10 10 C  C B . n 
B 2 3 C  3 11 11 C  C B . n 
B 2 4 A  4 12 12 A  A B . n 
B 2 5 DC 5 13 13 DC C B . n 
B 2 6 DT 6 14 14 DT T B . n 
B 2 7 DG 7 15 15 DG G B . n 
B 2 8 DC 8 16 16 DC C B . n 
C 1 1 G  1 17 17 G  G C . n 
C 1 2 C  2 18 18 C  C C . n 
C 1 3 A  3 19 19 A  A C . n 
C 1 4 G  4 20 20 G  G C . n 
C 1 5 U  5 21 21 U  U C . n 
C 1 6 G  6 22 22 G  G C . n 
C 1 7 G  7 23 23 G  G C . n 
C 1 8 C  8 24 24 C  C C . n 
D 2 1 G  1 25 25 G  G D . n 
D 2 2 C  2 26 26 C  C D . n 
D 2 3 C  3 27 27 C  C D . n 
D 2 4 A  4 28 28 A  A D . n 
D 2 5 DC 5 29 29 DC C D . n 
D 2 6 DT 6 30 30 DT T D . n 
D 2 7 DG 7 31 31 DG G D . n 
D 2 8 DC 8 32 32 DC C D . n 
# 
loop_
_pdbx_nonpoly_scheme.asym_id 
_pdbx_nonpoly_scheme.entity_id 
_pdbx_nonpoly_scheme.mon_id 
_pdbx_nonpoly_scheme.ndb_seq_num 
_pdbx_nonpoly_scheme.pdb_seq_num 
_pdbx_nonpoly_scheme.auth_seq_num 
_pdbx_nonpoly_scheme.pdb_mon_id 
_pdbx_nonpoly_scheme.auth_mon_id 
_pdbx_nonpoly_scheme.pdb_strand_id 
_pdbx_nonpoly_scheme.pdb_ins_code 
E 3 HOH 1  16 16 HOH HOH A . 
E 3 HOH 2  18 18 HOH HOH A . 
E 3 HOH 3  19 19 HOH HOH A . 
E 3 HOH 4  27 27 HOH HOH A . 
E 3 HOH 5  35 35 HOH HOH A . 
E 3 HOH 6  37 37 HOH HOH A . 
E 3 HOH 7  39 39 HOH HOH A . 
E 3 HOH 8  40 40 HOH HOH A . 
E 3 HOH 9  42 42 HOH HOH A . 
E 3 HOH 10 55 55 HOH HOH A . 
E 3 HOH 11 56 56 HOH HOH A . 
E 3 HOH 12 59 59 HOH HOH A . 
E 3 HOH 13 64 64 HOH HOH A . 
E 3 HOH 14 69 69 HOH HOH A . 
E 3 HOH 15 72 72 HOH HOH A . 
E 3 HOH 16 75 75 HOH HOH A . 
E 3 HOH 17 76 76 HOH HOH A . 
E 3 HOH 18 77 77 HOH HOH A . 
E 3 HOH 19 79 79 HOH HOH A . 
F 3 HOH 1  17 6  HOH HOH B . 
F 3 HOH 2  18 10 HOH HOH B . 
F 3 HOH 3  19 15 HOH HOH B . 
F 3 HOH 4  20 20 HOH HOH B . 
F 3 HOH 5  21 31 HOH HOH B . 
F 3 HOH 6  22 36 HOH HOH B . 
F 3 HOH 7  23 38 HOH HOH B . 
F 3 HOH 8  24 45 HOH HOH B . 
F 3 HOH 9  25 48 HOH HOH B . 
F 3 HOH 10 26 49 HOH HOH B . 
F 3 HOH 11 27 57 HOH HOH B . 
F 3 HOH 12 28 58 HOH HOH B . 
F 3 HOH 13 29 60 HOH HOH B . 
F 3 HOH 14 30 61 HOH HOH B . 
F 3 HOH 15 31 63 HOH HOH B . 
F 3 HOH 16 32 71 HOH HOH B . 
F 3 HOH 17 33 73 HOH HOH B . 
F 3 HOH 18 34 78 HOH HOH B . 
F 3 HOH 19 35 80 HOH HOH B . 
F 3 HOH 20 36 82 HOH HOH B . 
F 3 HOH 21 37 84 HOH HOH B . 
G 3 HOH 1  25 5  HOH HOH C . 
G 3 HOH 2  26 9  HOH HOH C . 
G 3 HOH 3  27 11 HOH HOH C . 
G 3 HOH 4  28 22 HOH HOH C . 
G 3 HOH 5  29 23 HOH HOH C . 
G 3 HOH 6  30 25 HOH HOH C . 
G 3 HOH 7  31 26 HOH HOH C . 
G 3 HOH 8  32 28 HOH HOH C . 
G 3 HOH 9  33 41 HOH HOH C . 
G 3 HOH 10 34 43 HOH HOH C . 
G 3 HOH 11 35 46 HOH HOH C . 
G 3 HOH 12 36 50 HOH HOH C . 
G 3 HOH 13 37 51 HOH HOH C . 
G 3 HOH 14 38 52 HOH HOH C . 
G 3 HOH 15 39 54 HOH HOH C . 
G 3 HOH 16 40 67 HOH HOH C . 
G 3 HOH 17 41 68 HOH HOH C . 
G 3 HOH 18 42 70 HOH HOH C . 
G 3 HOH 19 43 83 HOH HOH C . 
H 3 HOH 1  33 1  HOH HOH D . 
H 3 HOH 2  34 2  HOH HOH D . 
H 3 HOH 3  35 3  HOH HOH D . 
H 3 HOH 4  36 4  HOH HOH D . 
H 3 HOH 5  37 7  HOH HOH D . 
H 3 HOH 6  38 8  HOH HOH D . 
H 3 HOH 7  39 12 HOH HOH D . 
H 3 HOH 8  40 13 HOH HOH D . 
H 3 HOH 9  41 14 HOH HOH D . 
H 3 HOH 10 42 17 HOH HOH D . 
H 3 HOH 11 43 21 HOH HOH D . 
H 3 HOH 12 44 24 HOH HOH D . 
H 3 HOH 13 45 29 HOH HOH D . 
H 3 HOH 14 46 30 HOH HOH D . 
H 3 HOH 15 47 32 HOH HOH D . 
H 3 HOH 16 48 33 HOH HOH D . 
H 3 HOH 17 49 34 HOH HOH D . 
H 3 HOH 18 50 44 HOH HOH D . 
H 3 HOH 19 51 47 HOH HOH D . 
H 3 HOH 20 52 53 HOH HOH D . 
H 3 HOH 21 53 62 HOH HOH D . 
H 3 HOH 22 54 65 HOH HOH D . 
H 3 HOH 23 55 66 HOH HOH D . 
H 3 HOH 24 56 74 HOH HOH D . 
H 3 HOH 25 57 81 HOH HOH D . 
# 
loop_
_software.name 
_software.classification 
_software.version 
_software.citation_id 
_software.pdbx_ordinal 
AMoRE     phasing          . ? 1 
X-PLOR    refinement       . ? 2 
DENZO     'data reduction' . ? 3 
SCALEPACK 'data scaling'   . ? 4 
# 
_cell.entry_id           398D 
_cell.length_a           42.740 
_cell.length_b           44.150 
_cell.length_c           51.930 
_cell.angle_alpha        90.00 
_cell.angle_beta         90.00 
_cell.angle_gamma        90.00 
_cell.Z_PDB              8 
_cell.pdbx_unique_axis   ? 
_cell.length_a_esd       ? 
_cell.length_b_esd       ? 
_cell.length_c_esd       ? 
_cell.angle_alpha_esd    ? 
_cell.angle_beta_esd     ? 
_cell.angle_gamma_esd    ? 
# 
_symmetry.entry_id                         398D 
_symmetry.space_group_name_H-M             'P 21 21 21' 
_symmetry.pdbx_full_space_group_name_H-M   ? 
_symmetry.cell_setting                     orthorhombic 
_symmetry.Int_Tables_number                19 
_symmetry.space_group_name_Hall            ? 
# 
_exptl.entry_id          398D 
_exptl.method            'X-RAY DIFFRACTION' 
_exptl.crystals_number   2 
# 
_exptl_crystal.id                    1 
_exptl_crystal.density_meas          ? 
_exptl_crystal.density_percent_sol   49.46 
_exptl_crystal.density_Matthews      2.43 
_exptl_crystal.description           ? 
_exptl_crystal.F_000                 ? 
_exptl_crystal.preparation           ? 
# 
_exptl_crystal_grow.crystal_id      1 
_exptl_crystal_grow.method          'VAPOR DIFFUSION, HANGING DROP' 
_exptl_crystal_grow.temp            ? 
_exptl_crystal_grow.temp_details    ? 
_exptl_crystal_grow.pH              7.00 
_exptl_crystal_grow.pdbx_details    'pH 7.00, VAPOR DIFFUSION, HANGING DROP' 
_exptl_crystal_grow.pdbx_pH_range   ? 
# 
loop_
_exptl_crystal_grow_comp.crystal_id 
_exptl_crystal_grow_comp.id 
_exptl_crystal_grow_comp.sol_id 
_exptl_crystal_grow_comp.name 
_exptl_crystal_grow_comp.volume 
_exptl_crystal_grow_comp.conc 
_exptl_crystal_grow_comp.details 
1 1 1 WATER               ? ? ? 
1 2 1 KCL                 ? ? ? 
1 3 1 SPERMINE            ? ? ? 
1 4 1 'SODIUM CACODYLATE' ? ? ? 
1 5 1 MPD                 ? ? ? 
1 6 2 WATER               ? ? ? 
1 7 2 MPD                 ? ? ? 
# 
loop_
_diffrn.id 
_diffrn.ambient_temp 
_diffrn.ambient_temp_details 
_diffrn.crystal_id 
1 100.00 ? 1 
2 100.00 ? 1 
# 
loop_
_diffrn_detector.diffrn_id 
_diffrn_detector.detector 
_diffrn_detector.type 
_diffrn_detector.pdbx_collection_date 
_diffrn_detector.details 
1 'IMAGE PLATE' MARRESEARCH 1997-11-28 ? 
2 'IMAGE PLATE' MARRESEARCH 1997-11-28 ? 
# 
loop_
_diffrn_radiation.diffrn_id 
_diffrn_radiation.wavelength_id 
_diffrn_radiation.pdbx_monochromatic_or_laue_m_l 
_diffrn_radiation.monochromator 
_diffrn_radiation.pdbx_diffrn_protocol 
_diffrn_radiation.pdbx_scattering_type 
1 1 ? ? ? x-ray 
2 2 ? ? ? x-ray 
# 
loop_
_diffrn_radiation_wavelength.id 
_diffrn_radiation_wavelength.wavelength 
_diffrn_radiation_wavelength.wt 
1 . 1.0 
2 . 1.0 
# 
loop_
_diffrn_source.diffrn_id 
_diffrn_source.source 
_diffrn_source.type 
_diffrn_source.pdbx_synchrotron_site 
_diffrn_source.pdbx_synchrotron_beamline 
_diffrn_source.pdbx_wavelength 
_diffrn_source.pdbx_wavelength_list 
1 SYNCHROTRON 'EMBL/DESY, HAMBURG BEAMLINE BW7A' 'EMBL/DESY, HAMBURG' BW7A ? ? 
2 SYNCHROTRON 'EMBL/DESY, HAMBURG BEAMLINE X31'  'EMBL/DESY, HAMBURG' X31  ? ? 
# 
_reflns.entry_id                     398D 
_reflns.observed_criterion_sigma_I   0.000 
_reflns.observed_criterion_sigma_F   ? 
_reflns.d_resolution_low             15.000 
_reflns.d_resolution_high            1.940 
_reflns.number_obs                   7612 
_reflns.number_all                   ? 
_reflns.percent_possible_obs         99.200 
_reflns.pdbx_Rmerge_I_obs            0.0750000 
_reflns.pdbx_Rsym_value              ? 
_reflns.pdbx_netI_over_sigmaI        7.4 
_reflns.B_iso_Wilson_estimate        24.44 
_reflns.pdbx_redundancy              3.700 
_reflns.R_free_details               ? 
_reflns.pdbx_chi_squared             ? 
_reflns.pdbx_scaling_rejects         ? 
_reflns.pdbx_diffrn_id               1,2 
_reflns.pdbx_ordinal                 1 
# 
_reflns_shell.d_res_high             1.94 
_reflns_shell.d_res_low              2.04 
_reflns_shell.percent_possible_all   93.1 
_reflns_shell.Rmerge_I_obs           0.4160000 
_reflns_shell.pdbx_Rsym_value        ? 
_reflns_shell.meanI_over_sigI_obs    2.2 
_reflns_shell.pdbx_redundancy        3.0 
_reflns_shell.percent_possible_obs   ? 
_reflns_shell.number_unique_all      ? 
_reflns_shell.number_measured_all    ? 
_reflns_shell.number_measured_obs    ? 
_reflns_shell.number_unique_obs      ? 
_reflns_shell.pdbx_chi_squared       ? 
_reflns_shell.pdbx_diffrn_id         ? 
_reflns_shell.pdbx_ordinal           1 
# 
_refine.entry_id                                 398D 
_refine.ls_number_reflns_obs                     7566 
_refine.ls_number_reflns_all                     ? 
_refine.pdbx_ls_sigma_I                          ? 
_refine.pdbx_ls_sigma_F                          0.000 
_refine.pdbx_data_cutoff_high_absF               ? 
_refine.pdbx_data_cutoff_low_absF                ? 
_refine.pdbx_data_cutoff_high_rms_absF           ? 
_refine.ls_d_res_low                             15.000 
_refine.ls_d_res_high                            1.940 
_refine.ls_percent_reflns_obs                    99.200 
_refine.ls_R_factor_obs                          0.2200000 
_refine.ls_R_factor_all                          ? 
_refine.ls_R_factor_R_work                       0.2200000 
_refine.ls_R_factor_R_free                       0.2910000 
_refine.ls_R_factor_R_free_error                 ? 
_refine.ls_R_factor_R_free_error_details         ? 
_refine.ls_percent_reflns_R_free                 5.000 
_refine.ls_number_reflns_R_free                  405 
_refine.ls_number_parameters                     ? 
_refine.ls_number_restraints                     ? 
_refine.occupancy_min                            ? 
_refine.occupancy_max                            ? 
_refine.B_iso_mean                               24.01 
_refine.aniso_B[1][1]                            ? 
_refine.aniso_B[2][2]                            ? 
_refine.aniso_B[3][3]                            ? 
_refine.aniso_B[1][2]                            ? 
_refine.aniso_B[1][3]                            ? 
_refine.aniso_B[2][3]                            ? 
_refine.solvent_model_details                    ? 
_refine.solvent_model_param_ksol                 ? 
_refine.solvent_model_param_bsol                 ? 
_refine.pdbx_ls_cross_valid_method               'RANDOM IN THIN SHELLS' 
_refine.details                                  ? 
_refine.pdbx_starting_model                      'CANONICAL A-RNA MODEL OF IDENTICAL SIZE AND SEQUENCE' 
_refine.pdbx_method_to_determine_struct          ? 
_refine.pdbx_isotropic_thermal_model             ? 
_refine.pdbx_stereochemistry_target_values       ? 
_refine.pdbx_stereochem_target_val_spec_case     ? 
_refine.pdbx_R_Free_selection_details            'RANDOM IN THIN SHELLS' 
_refine.pdbx_overall_ESU_R                       ? 
_refine.pdbx_overall_ESU_R_Free                  ? 
_refine.overall_SU_ML                            ? 
_refine.overall_SU_B                             ? 
_refine.pdbx_refine_id                           'X-RAY DIFFRACTION' 
_refine.ls_redundancy_reflns_obs                 ? 
_refine.pdbx_overall_phase_error                 ? 
_refine.correlation_coeff_Fo_to_Fc               ? 
_refine.correlation_coeff_Fo_to_Fc_free          ? 
_refine.pdbx_solvent_vdw_probe_radii             ? 
_refine.pdbx_solvent_ion_probe_radii             ? 
_refine.pdbx_solvent_shrinkage_radii             ? 
_refine.overall_SU_R_Cruickshank_DPI             ? 
_refine.overall_SU_R_free                        ? 
_refine.ls_wR_factor_R_free                      ? 
_refine.ls_wR_factor_R_work                      ? 
_refine.overall_FOM_free_R_set                   ? 
_refine.overall_FOM_work_R_set                   ? 
_refine.pdbx_diffrn_id                           1 
_refine.pdbx_TLS_residual_ADP_flag               ? 
_refine.pdbx_overall_SU_R_free_Cruickshank_DPI   ? 
_refine.pdbx_overall_SU_R_Blow_DPI               ? 
_refine.pdbx_overall_SU_R_free_Blow_DPI          ? 
# 
_refine_hist.pdbx_refine_id                   'X-RAY DIFFRACTION' 
_refine_hist.cycle_id                         LAST 
_refine_hist.pdbx_number_atoms_protein        0 
_refine_hist.pdbx_number_atoms_nucleic_acid   666 
_refine_hist.pdbx_number_atoms_ligand         0 
_refine_hist.number_atoms_solvent             84 
_refine_hist.number_atoms_total               750 
_refine_hist.d_res_high                       1.940 
_refine_hist.d_res_low                        15.000 
# 
loop_
_refine_ls_restr.type 
_refine_ls_restr.dev_ideal 
_refine_ls_restr.dev_ideal_target 
_refine_ls_restr.weight 
_refine_ls_restr.number 
_refine_ls_restr.pdbx_refine_id 
_refine_ls_restr.pdbx_restraint_function 
x_bond_d                0.012 ? ? ? 'X-RAY DIFFRACTION' ? 
x_bond_d_na             ?     ? ? ? 'X-RAY DIFFRACTION' ? 
x_bond_d_prot           ?     ? ? ? 'X-RAY DIFFRACTION' ? 
x_angle_d               ?     ? ? ? 'X-RAY DIFFRACTION' ? 
x_angle_d_na            ?     ? ? ? 'X-RAY DIFFRACTION' ? 
x_angle_d_prot          ?     ? ? ? 'X-RAY DIFFRACTION' ? 
x_angle_deg             1.701 ? ? ? 'X-RAY DIFFRACTION' ? 
x_angle_deg_na          ?     ? ? ? 'X-RAY DIFFRACTION' ? 
x_angle_deg_prot        ?     ? ? ? 'X-RAY DIFFRACTION' ? 
x_dihedral_angle_d      ?     ? ? ? 'X-RAY DIFFRACTION' ? 
x_dihedral_angle_d_na   ?     ? ? ? 'X-RAY DIFFRACTION' ? 
x_dihedral_angle_d_prot ?     ? ? ? 'X-RAY DIFFRACTION' ? 
x_improper_angle_d      ?     ? ? ? 'X-RAY DIFFRACTION' ? 
x_improper_angle_d_na   ?     ? ? ? 'X-RAY DIFFRACTION' ? 
x_improper_angle_d_prot ?     ? ? ? 'X-RAY DIFFRACTION' ? 
x_mcbond_it             ?     ? ? ? 'X-RAY DIFFRACTION' ? 
x_mcangle_it            ?     ? ? ? 'X-RAY DIFFRACTION' ? 
x_scbond_it             ?     ? ? ? 'X-RAY DIFFRACTION' ? 
x_scangle_it            ?     ? ? ? 'X-RAY DIFFRACTION' ? 
# 
_refine_ls_shell.pdbx_total_number_of_bins_used   8 
_refine_ls_shell.d_res_high                       1.94 
_refine_ls_shell.d_res_low                        2.03 
_refine_ls_shell.number_reflns_R_work             823 
_refine_ls_shell.R_factor_R_work                  0.3030000 
_refine_ls_shell.percent_reflns_obs               ? 
_refine_ls_shell.R_factor_R_free                  0.3980000 
_refine_ls_shell.R_factor_R_free_error            ? 
_refine_ls_shell.percent_reflns_R_free            5.0 
_refine_ls_shell.number_reflns_R_free             54 
_refine_ls_shell.pdbx_refine_id                   'X-RAY DIFFRACTION' 
_refine_ls_shell.redundancy_reflns_obs            ? 
_refine_ls_shell.number_reflns_all                ? 
_refine_ls_shell.number_reflns_obs                ? 
_refine_ls_shell.R_factor_all                     ? 
# 
_pdbx_xplor_file.serial_no        1 
_pdbx_xplor_file.param_file       DNA-RNA-MULTI-ENDO.PARAM 
_pdbx_xplor_file.topol_file       DNA-RNA-MULTI-ENDO.TOP 
_pdbx_xplor_file.pdbx_refine_id   'X-RAY DIFFRACTION' 
# 
_struct.entry_id                  398D 
_struct.title                     
;3'-DNA-RNA-5' JUNCTION FORMED DURING INITIATION OF MINUS-STRAND SYNTHESIS OF HIV REPLICATION
;
_struct.pdbx_model_details        ? 
_struct.pdbx_CASP_flag            ? 
_struct.pdbx_model_type_details   ? 
# 
_struct_keywords.entry_id        398D 
_struct_keywords.pdbx_keywords   'DNA-RNA HYBRID' 
_struct_keywords.text            'A-DNA/RNA, DOUBLE HELIX, DNA-RNA HYBRID' 
# 
loop_
_struct_asym.id 
_struct_asym.pdbx_blank_PDB_chainid_flag 
_struct_asym.pdbx_modified 
_struct_asym.entity_id 
_struct_asym.details 
A N N 1 ? 
B N N 2 ? 
C N N 1 ? 
D N N 2 ? 
E N N 3 ? 
F N N 3 ? 
G N N 3 ? 
H N N 3 ? 
# 
loop_
_struct_ref.id 
_struct_ref.entity_id 
_struct_ref.db_name 
_struct_ref.db_code 
_struct_ref.pdbx_db_accession 
_struct_ref.pdbx_align_begin 
_struct_ref.pdbx_seq_one_letter_code 
_struct_ref.pdbx_db_isoform 
1 1 PDB 398D 398D ? ? ? 
2 2 PDB 398D 398D ? ? ? 
# 
loop_
_struct_ref_seq.align_id 
_struct_ref_seq.ref_id 
_struct_ref_seq.pdbx_PDB_id_code 
_struct_ref_seq.pdbx_strand_id 
_struct_ref_seq.seq_align_beg 
_struct_ref_seq.pdbx_seq_align_beg_ins_code 
_struct_ref_seq.seq_align_end 
_struct_ref_seq.pdbx_seq_align_end_ins_code 
_struct_ref_seq.pdbx_db_accession 
_struct_ref_seq.db_align_beg 
_struct_ref_seq.pdbx_db_align_beg_ins_code 
_struct_ref_seq.db_align_end 
_struct_ref_seq.pdbx_db_align_end_ins_code 
_struct_ref_seq.pdbx_auth_seq_align_beg 
_struct_ref_seq.pdbx_auth_seq_align_end 
1 1 398D A 1 ? 8 ? 398D 1  ? 8  ? 1  8  
2 2 398D B 1 ? 8 ? 398D 9  ? 16 ? 9  16 
3 1 398D C 1 ? 8 ? 398D 17 ? 24 ? 17 24 
4 2 398D D 1 ? 8 ? 398D 25 ? 32 ? 25 32 
# 
loop_
_pdbx_struct_assembly.id 
_pdbx_struct_assembly.details 
_pdbx_struct_assembly.method_details 
_pdbx_struct_assembly.oligomeric_details 
_pdbx_struct_assembly.oligomeric_count 
1 author_defined_assembly ? dimeric 2 
2 author_defined_assembly ? dimeric 2 
# 
loop_
_pdbx_struct_assembly_gen.assembly_id 
_pdbx_struct_assembly_gen.oper_expression 
_pdbx_struct_assembly_gen.asym_id_list 
1 1 A,B,E,F 
2 1 C,D,G,H 
# 
_pdbx_struct_oper_list.id                   1 
_pdbx_struct_oper_list.type                 'identity operation' 
_pdbx_struct_oper_list.name                 1_555 
_pdbx_struct_oper_list.symmetry_operation   x,y,z 
_pdbx_struct_oper_list.matrix[1][1]         1.0000000000 
_pdbx_struct_oper_list.matrix[1][2]         0.0000000000 
_pdbx_struct_oper_list.matrix[1][3]         0.0000000000 
_pdbx_struct_oper_list.vector[1]            0.0000000000 
_pdbx_struct_oper_list.matrix[2][1]         0.0000000000 
_pdbx_struct_oper_list.matrix[2][2]         1.0000000000 
_pdbx_struct_oper_list.matrix[2][3]         0.0000000000 
_pdbx_struct_oper_list.vector[2]            0.0000000000 
_pdbx_struct_oper_list.matrix[3][1]         0.0000000000 
_pdbx_struct_oper_list.matrix[3][2]         0.0000000000 
_pdbx_struct_oper_list.matrix[3][3]         1.0000000000 
_pdbx_struct_oper_list.vector[3]            0.0000000000 
# 
loop_
_struct_biol.id 
_struct_biol.details 
1 ? 
2 ? 
# 
loop_
_struct_conn.id 
_struct_conn.conn_type_id 
_struct_conn.pdbx_leaving_atom_flag 
_struct_conn.pdbx_PDB_id 
_struct_conn.ptnr1_label_asym_id 
_struct_conn.ptnr1_label_comp_id 
_struct_conn.ptnr1_label_seq_id 
_struct_conn.ptnr1_label_atom_id 
_struct_conn.pdbx_ptnr1_label_alt_id 
_struct_conn.pdbx_ptnr1_PDB_ins_code 
_struct_conn.pdbx_ptnr1_standard_comp_id 
_struct_conn.ptnr1_symmetry 
_struct_conn.ptnr2_label_asym_id 
_struct_conn.ptnr2_label_comp_id 
_struct_conn.ptnr2_label_seq_id 
_struct_conn.ptnr2_label_atom_id 
_struct_conn.pdbx_ptnr2_label_alt_id 
_struct_conn.pdbx_ptnr2_PDB_ins_code 
_struct_conn.ptnr1_auth_asym_id 
_struct_conn.ptnr1_auth_comp_id 
_struct_conn.ptnr1_auth_seq_id 
_struct_conn.ptnr2_auth_asym_id 
_struct_conn.ptnr2_auth_comp_id 
_struct_conn.ptnr2_auth_seq_id 
_struct_conn.ptnr2_symmetry 
_struct_conn.pdbx_ptnr3_label_atom_id 
_struct_conn.pdbx_ptnr3_label_seq_id 
_struct_conn.pdbx_ptnr3_label_comp_id 
_struct_conn.pdbx_ptnr3_label_asym_id 
_struct_conn.pdbx_ptnr3_label_alt_id 
_struct_conn.pdbx_ptnr3_PDB_ins_code 
_struct_conn.details 
_struct_conn.pdbx_dist_value 
_struct_conn.pdbx_value_order 
_struct_conn.pdbx_role 
hydrog1  hydrog ? ? A G 1 N1 ? ? ? 1_555 B DC 8 N3 ? ? A G 1  B DC 16 1_555 ? ? ? ? ? ? WATSON-CRICK ? ? ? 
hydrog2  hydrog ? ? A G 1 N2 ? ? ? 1_555 B DC 8 O2 ? ? A G 1  B DC 16 1_555 ? ? ? ? ? ? WATSON-CRICK ? ? ? 
hydrog3  hydrog ? ? A G 1 O6 ? ? ? 1_555 B DC 8 N4 ? ? A G 1  B DC 16 1_555 ? ? ? ? ? ? WATSON-CRICK ? ? ? 
hydrog4  hydrog ? ? A C 2 N3 ? ? ? 1_555 B DG 7 N1 ? ? A C 2  B DG 15 1_555 ? ? ? ? ? ? WATSON-CRICK ? ? ? 
hydrog5  hydrog ? ? A C 2 N4 ? ? ? 1_555 B DG 7 O6 ? ? A C 2  B DG 15 1_555 ? ? ? ? ? ? WATSON-CRICK ? ? ? 
hydrog6  hydrog ? ? A C 2 O2 ? ? ? 1_555 B DG 7 N2 ? ? A C 2  B DG 15 1_555 ? ? ? ? ? ? WATSON-CRICK ? ? ? 
hydrog7  hydrog ? ? A A 3 N1 ? ? ? 1_555 B DT 6 N3 ? ? A A 3  B DT 14 1_555 ? ? ? ? ? ? WATSON-CRICK ? ? ? 
hydrog8  hydrog ? ? A A 3 N6 ? ? ? 1_555 B DT 6 O4 ? ? A A 3  B DT 14 1_555 ? ? ? ? ? ? WATSON-CRICK ? ? ? 
hydrog9  hydrog ? ? A G 4 N1 ? ? ? 1_555 B DC 5 N3 ? ? A G 4  B DC 13 1_555 ? ? ? ? ? ? WATSON-CRICK ? ? ? 
hydrog10 hydrog ? ? A G 4 N2 ? ? ? 1_555 B DC 5 O2 ? ? A G 4  B DC 13 1_555 ? ? ? ? ? ? WATSON-CRICK ? ? ? 
hydrog11 hydrog ? ? A G 4 O6 ? ? ? 1_555 B DC 5 N4 ? ? A G 4  B DC 13 1_555 ? ? ? ? ? ? WATSON-CRICK ? ? ? 
hydrog12 hydrog ? ? A U 5 N3 ? ? ? 1_555 B A  4 N1 ? ? A U 5  B A  12 1_555 ? ? ? ? ? ? WATSON-CRICK ? ? ? 
hydrog13 hydrog ? ? A U 5 O4 ? ? ? 1_555 B A  4 N6 ? ? A U 5  B A  12 1_555 ? ? ? ? ? ? WATSON-CRICK ? ? ? 
hydrog14 hydrog ? ? A G 6 N1 ? ? ? 1_555 B C  3 N3 ? ? A G 6  B C  11 1_555 ? ? ? ? ? ? WATSON-CRICK ? ? ? 
hydrog15 hydrog ? ? A G 6 N2 ? ? ? 1_555 B C  3 O2 ? ? A G 6  B C  11 1_555 ? ? ? ? ? ? WATSON-CRICK ? ? ? 
hydrog16 hydrog ? ? A G 6 O6 ? ? ? 1_555 B C  3 N4 ? ? A G 6  B C  11 1_555 ? ? ? ? ? ? WATSON-CRICK ? ? ? 
hydrog17 hydrog ? ? A G 7 N1 ? ? ? 1_555 B C  2 N3 ? ? A G 7  B C  10 1_555 ? ? ? ? ? ? WATSON-CRICK ? ? ? 
hydrog18 hydrog ? ? A G 7 N2 ? ? ? 1_555 B C  2 O2 ? ? A G 7  B C  10 1_555 ? ? ? ? ? ? WATSON-CRICK ? ? ? 
hydrog19 hydrog ? ? A G 7 O6 ? ? ? 1_555 B C  2 N4 ? ? A G 7  B C  10 1_555 ? ? ? ? ? ? WATSON-CRICK ? ? ? 
hydrog20 hydrog ? ? A C 8 N3 ? ? ? 1_555 B G  1 N1 ? ? A C 8  B G  9  1_555 ? ? ? ? ? ? WATSON-CRICK ? ? ? 
hydrog21 hydrog ? ? A C 8 N4 ? ? ? 1_555 B G  1 O6 ? ? A C 8  B G  9  1_555 ? ? ? ? ? ? WATSON-CRICK ? ? ? 
hydrog22 hydrog ? ? A C 8 O2 ? ? ? 1_555 B G  1 N2 ? ? A C 8  B G  9  1_555 ? ? ? ? ? ? WATSON-CRICK ? ? ? 
hydrog23 hydrog ? ? C G 1 N1 ? ? ? 1_555 D DC 8 N3 ? ? C G 17 D DC 32 1_555 ? ? ? ? ? ? WATSON-CRICK ? ? ? 
hydrog24 hydrog ? ? C G 1 N2 ? ? ? 1_555 D DC 8 O2 ? ? C G 17 D DC 32 1_555 ? ? ? ? ? ? WATSON-CRICK ? ? ? 
hydrog25 hydrog ? ? C G 1 O6 ? ? ? 1_555 D DC 8 N4 ? ? C G 17 D DC 32 1_555 ? ? ? ? ? ? WATSON-CRICK ? ? ? 
hydrog26 hydrog ? ? C C 2 N3 ? ? ? 1_555 D DG 7 N1 ? ? C C 18 D DG 31 1_555 ? ? ? ? ? ? WATSON-CRICK ? ? ? 
hydrog27 hydrog ? ? C C 2 N4 ? ? ? 1_555 D DG 7 O6 ? ? C C 18 D DG 31 1_555 ? ? ? ? ? ? WATSON-CRICK ? ? ? 
hydrog28 hydrog ? ? C C 2 O2 ? ? ? 1_555 D DG 7 N2 ? ? C C 18 D DG 31 1_555 ? ? ? ? ? ? WATSON-CRICK ? ? ? 
hydrog29 hydrog ? ? C A 3 N1 ? ? ? 1_555 D DT 6 N3 ? ? C A 19 D DT 30 1_555 ? ? ? ? ? ? WATSON-CRICK ? ? ? 
hydrog30 hydrog ? ? C A 3 N6 ? ? ? 1_555 D DT 6 O4 ? ? C A 19 D DT 30 1_555 ? ? ? ? ? ? WATSON-CRICK ? ? ? 
hydrog31 hydrog ? ? C G 4 N1 ? ? ? 1_555 D DC 5 N3 ? ? C G 20 D DC 29 1_555 ? ? ? ? ? ? WATSON-CRICK ? ? ? 
hydrog32 hydrog ? ? C G 4 N2 ? ? ? 1_555 D DC 5 O2 ? ? C G 20 D DC 29 1_555 ? ? ? ? ? ? WATSON-CRICK ? ? ? 
hydrog33 hydrog ? ? C G 4 O6 ? ? ? 1_555 D DC 5 N4 ? ? C G 20 D DC 29 1_555 ? ? ? ? ? ? WATSON-CRICK ? ? ? 
hydrog34 hydrog ? ? C U 5 N3 ? ? ? 1_555 D A  4 N1 ? ? C U 21 D A  28 1_555 ? ? ? ? ? ? WATSON-CRICK ? ? ? 
hydrog35 hydrog ? ? C U 5 O4 ? ? ? 1_555 D A  4 N6 ? ? C U 21 D A  28 1_555 ? ? ? ? ? ? WATSON-CRICK ? ? ? 
hydrog36 hydrog ? ? C G 6 N1 ? ? ? 1_555 D C  3 N3 ? ? C G 22 D C  27 1_555 ? ? ? ? ? ? WATSON-CRICK ? ? ? 
hydrog37 hydrog ? ? C G 6 N2 ? ? ? 1_555 D C  3 O2 ? ? C G 22 D C  27 1_555 ? ? ? ? ? ? WATSON-CRICK ? ? ? 
hydrog38 hydrog ? ? C G 6 O6 ? ? ? 1_555 D C  3 N4 ? ? C G 22 D C  27 1_555 ? ? ? ? ? ? WATSON-CRICK ? ? ? 
hydrog39 hydrog ? ? C G 7 N1 ? ? ? 1_555 D C  2 N3 ? ? C G 23 D C  26 1_555 ? ? ? ? ? ? WATSON-CRICK ? ? ? 
hydrog40 hydrog ? ? C G 7 N2 ? ? ? 1_555 D C  2 O2 ? ? C G 23 D C  26 1_555 ? ? ? ? ? ? WATSON-CRICK ? ? ? 
hydrog41 hydrog ? ? C G 7 O6 ? ? ? 1_555 D C  2 N4 ? ? C G 23 D C  26 1_555 ? ? ? ? ? ? WATSON-CRICK ? ? ? 
hydrog42 hydrog ? ? C C 8 N3 ? ? ? 1_555 D G  1 N1 ? ? C C 24 D G  25 1_555 ? ? ? ? ? ? WATSON-CRICK ? ? ? 
hydrog43 hydrog ? ? C C 8 N4 ? ? ? 1_555 D G  1 O6 ? ? C C 24 D G  25 1_555 ? ? ? ? ? ? WATSON-CRICK ? ? ? 
hydrog44 hydrog ? ? C C 8 O2 ? ? ? 1_555 D G  1 N2 ? ? C C 24 D G  25 1_555 ? ? ? ? ? ? WATSON-CRICK ? ? ? 
# 
_struct_conn_type.id          hydrog 
_struct_conn_type.criteria    ? 
_struct_conn_type.reference   ? 
# 
_pdbx_validate_rmsd_angle.id                         1 
_pdbx_validate_rmsd_angle.PDB_model_num              1 
_pdbx_validate_rmsd_angle.auth_atom_id_1             N9 
_pdbx_validate_rmsd_angle.auth_asym_id_1             A 
_pdbx_validate_rmsd_angle.auth_comp_id_1             G 
_pdbx_validate_rmsd_angle.auth_seq_id_1              7 
_pdbx_validate_rmsd_angle.PDB_ins_code_1             ? 
_pdbx_validate_rmsd_angle.label_alt_id_1             ? 
_pdbx_validate_rmsd_angle.auth_atom_id_2             "C1'" 
_pdbx_validate_rmsd_angle.auth_asym_id_2             A 
_pdbx_validate_rmsd_angle.auth_comp_id_2             G 
_pdbx_validate_rmsd_angle.auth_seq_id_2              7 
_pdbx_validate_rmsd_angle.PDB_ins_code_2             ? 
_pdbx_validate_rmsd_angle.label_alt_id_2             ? 
_pdbx_validate_rmsd_angle.auth_atom_id_3             "C2'" 
_pdbx_validate_rmsd_angle.auth_asym_id_3             A 
_pdbx_validate_rmsd_angle.auth_comp_id_3             G 
_pdbx_validate_rmsd_angle.auth_seq_id_3              7 
_pdbx_validate_rmsd_angle.PDB_ins_code_3             ? 
_pdbx_validate_rmsd_angle.label_alt_id_3             ? 
_pdbx_validate_rmsd_angle.angle_value                104.88 
_pdbx_validate_rmsd_angle.angle_target_value         112.00 
_pdbx_validate_rmsd_angle.angle_deviation            -7.12 
_pdbx_validate_rmsd_angle.angle_standard_deviation   1.10 
_pdbx_validate_rmsd_angle.linker_flag                N 
# 
loop_
_chem_comp_atom.comp_id 
_chem_comp_atom.atom_id 
_chem_comp_atom.type_symbol 
_chem_comp_atom.pdbx_aromatic_flag 
_chem_comp_atom.pdbx_stereo_config 
_chem_comp_atom.pdbx_ordinal 
A   OP3    O N N 1   
A   P      P N N 2   
A   OP1    O N N 3   
A   OP2    O N N 4   
A   "O5'"  O N N 5   
A   "C5'"  C N N 6   
A   "C4'"  C N R 7   
A   "O4'"  O N N 8   
A   "C3'"  C N S 9   
A   "O3'"  O N N 10  
A   "C2'"  C N R 11  
A   "O2'"  O N N 12  
A   "C1'"  C N R 13  
A   N9     N Y N 14  
A   C8     C Y N 15  
A   N7     N Y N 16  
A   C5     C Y N 17  
A   C6     C Y N 18  
A   N6     N N N 19  
A   N1     N Y N 20  
A   C2     C Y N 21  
A   N3     N Y N 22  
A   C4     C Y N 23  
A   HOP3   H N N 24  
A   HOP2   H N N 25  
A   "H5'"  H N N 26  
A   "H5''" H N N 27  
A   "H4'"  H N N 28  
A   "H3'"  H N N 29  
A   "HO3'" H N N 30  
A   "H2'"  H N N 31  
A   "HO2'" H N N 32  
A   "H1'"  H N N 33  
A   H8     H N N 34  
A   H61    H N N 35  
A   H62    H N N 36  
A   H2     H N N 37  
C   OP3    O N N 38  
C   P      P N N 39  
C   OP1    O N N 40  
C   OP2    O N N 41  
C   "O5'"  O N N 42  
C   "C5'"  C N N 43  
C   "C4'"  C N R 44  
C   "O4'"  O N N 45  
C   "C3'"  C N S 46  
C   "O3'"  O N N 47  
C   "C2'"  C N R 48  
C   "O2'"  O N N 49  
C   "C1'"  C N R 50  
C   N1     N N N 51  
C   C2     C N N 52  
C   O2     O N N 53  
C   N3     N N N 54  
C   C4     C N N 55  
C   N4     N N N 56  
C   C5     C N N 57  
C   C6     C N N 58  
C   HOP3   H N N 59  
C   HOP2   H N N 60  
C   "H5'"  H N N 61  
C   "H5''" H N N 62  
C   "H4'"  H N N 63  
C   "H3'"  H N N 64  
C   "HO3'" H N N 65  
C   "H2'"  H N N 66  
C   "HO2'" H N N 67  
C   "H1'"  H N N 68  
C   H41    H N N 69  
C   H42    H N N 70  
C   H5     H N N 71  
C   H6     H N N 72  
DC  OP3    O N N 73  
DC  P      P N N 74  
DC  OP1    O N N 75  
DC  OP2    O N N 76  
DC  "O5'"  O N N 77  
DC  "C5'"  C N N 78  
DC  "C4'"  C N R 79  
DC  "O4'"  O N N 80  
DC  "C3'"  C N S 81  
DC  "O3'"  O N N 82  
DC  "C2'"  C N N 83  
DC  "C1'"  C N R 84  
DC  N1     N N N 85  
DC  C2     C N N 86  
DC  O2     O N N 87  
DC  N3     N N N 88  
DC  C4     C N N 89  
DC  N4     N N N 90  
DC  C5     C N N 91  
DC  C6     C N N 92  
DC  HOP3   H N N 93  
DC  HOP2   H N N 94  
DC  "H5'"  H N N 95  
DC  "H5''" H N N 96  
DC  "H4'"  H N N 97  
DC  "H3'"  H N N 98  
DC  "HO3'" H N N 99  
DC  "H2'"  H N N 100 
DC  "H2''" H N N 101 
DC  "H1'"  H N N 102 
DC  H41    H N N 103 
DC  H42    H N N 104 
DC  H5     H N N 105 
DC  H6     H N N 106 
DG  OP3    O N N 107 
DG  P      P N N 108 
DG  OP1    O N N 109 
DG  OP2    O N N 110 
DG  "O5'"  O N N 111 
DG  "C5'"  C N N 112 
DG  "C4'"  C N R 113 
DG  "O4'"  O N N 114 
DG  "C3'"  C N S 115 
DG  "O3'"  O N N 116 
DG  "C2'"  C N N 117 
DG  "C1'"  C N R 118 
DG  N9     N Y N 119 
DG  C8     C Y N 120 
DG  N7     N Y N 121 
DG  C5     C Y N 122 
DG  C6     C N N 123 
DG  O6     O N N 124 
DG  N1     N N N 125 
DG  C2     C N N 126 
DG  N2     N N N 127 
DG  N3     N N N 128 
DG  C4     C Y N 129 
DG  HOP3   H N N 130 
DG  HOP2   H N N 131 
DG  "H5'"  H N N 132 
DG  "H5''" H N N 133 
DG  "H4'"  H N N 134 
DG  "H3'"  H N N 135 
DG  "HO3'" H N N 136 
DG  "H2'"  H N N 137 
DG  "H2''" H N N 138 
DG  "H1'"  H N N 139 
DG  H8     H N N 140 
DG  H1     H N N 141 
DG  H21    H N N 142 
DG  H22    H N N 143 
DT  OP3    O N N 144 
DT  P      P N N 145 
DT  OP1    O N N 146 
DT  OP2    O N N 147 
DT  "O5'"  O N N 148 
DT  "C5'"  C N N 149 
DT  "C4'"  C N R 150 
DT  "O4'"  O N N 151 
DT  "C3'"  C N S 152 
DT  "O3'"  O N N 153 
DT  "C2'"  C N N 154 
DT  "C1'"  C N R 155 
DT  N1     N N N 156 
DT  C2     C N N 157 
DT  O2     O N N 158 
DT  N3     N N N 159 
DT  C4     C N N 160 
DT  O4     O N N 161 
DT  C5     C N N 162 
DT  C7     C N N 163 
DT  C6     C N N 164 
DT  HOP3   H N N 165 
DT  HOP2   H N N 166 
DT  "H5'"  H N N 167 
DT  "H5''" H N N 168 
DT  "H4'"  H N N 169 
DT  "H3'"  H N N 170 
DT  "HO3'" H N N 171 
DT  "H2'"  H N N 172 
DT  "H2''" H N N 173 
DT  "H1'"  H N N 174 
DT  H3     H N N 175 
DT  H71    H N N 176 
DT  H72    H N N 177 
DT  H73    H N N 178 
DT  H6     H N N 179 
G   OP3    O N N 180 
G   P      P N N 181 
G   OP1    O N N 182 
G   OP2    O N N 183 
G   "O5'"  O N N 184 
G   "C5'"  C N N 185 
G   "C4'"  C N R 186 
G   "O4'"  O N N 187 
G   "C3'"  C N S 188 
G   "O3'"  O N N 189 
G   "C2'"  C N R 190 
G   "O2'"  O N N 191 
G   "C1'"  C N R 192 
G   N9     N Y N 193 
G   C8     C Y N 194 
G   N7     N Y N 195 
G   C5     C Y N 196 
G   C6     C N N 197 
G   O6     O N N 198 
G   N1     N N N 199 
G   C2     C N N 200 
G   N2     N N N 201 
G   N3     N N N 202 
G   C4     C Y N 203 
G   HOP3   H N N 204 
G   HOP2   H N N 205 
G   "H5'"  H N N 206 
G   "H5''" H N N 207 
G   "H4'"  H N N 208 
G   "H3'"  H N N 209 
G   "HO3'" H N N 210 
G   "H2'"  H N N 211 
G   "HO2'" H N N 212 
G   "H1'"  H N N 213 
G   H8     H N N 214 
G   H1     H N N 215 
G   H21    H N N 216 
G   H22    H N N 217 
HOH O      O N N 218 
HOH H1     H N N 219 
HOH H2     H N N 220 
U   OP3    O N N 221 
U   P      P N N 222 
U   OP1    O N N 223 
U   OP2    O N N 224 
U   "O5'"  O N N 225 
U   "C5'"  C N N 226 
U   "C4'"  C N R 227 
U   "O4'"  O N N 228 
U   "C3'"  C N S 229 
U   "O3'"  O N N 230 
U   "C2'"  C N R 231 
U   "O2'"  O N N 232 
U   "C1'"  C N R 233 
U   N1     N N N 234 
U   C2     C N N 235 
U   O2     O N N 236 
U   N3     N N N 237 
U   C4     C N N 238 
U   O4     O N N 239 
U   C5     C N N 240 
U   C6     C N N 241 
U   HOP3   H N N 242 
U   HOP2   H N N 243 
U   "H5'"  H N N 244 
U   "H5''" H N N 245 
U   "H4'"  H N N 246 
U   "H3'"  H N N 247 
U   "HO3'" H N N 248 
U   "H2'"  H N N 249 
U   "HO2'" H N N 250 
U   "H1'"  H N N 251 
U   H3     H N N 252 
U   H5     H N N 253 
U   H6     H N N 254 
# 
loop_
_chem_comp_bond.comp_id 
_chem_comp_bond.atom_id_1 
_chem_comp_bond.atom_id_2 
_chem_comp_bond.value_order 
_chem_comp_bond.pdbx_aromatic_flag 
_chem_comp_bond.pdbx_stereo_config 
_chem_comp_bond.pdbx_ordinal 
A   OP3   P      sing N N 1   
A   OP3   HOP3   sing N N 2   
A   P     OP1    doub N N 3   
A   P     OP2    sing N N 4   
A   P     "O5'"  sing N N 5   
A   OP2   HOP2   sing N N 6   
A   "O5'" "C5'"  sing N N 7   
A   "C5'" "C4'"  sing N N 8   
A   "C5'" "H5'"  sing N N 9   
A   "C5'" "H5''" sing N N 10  
A   "C4'" "O4'"  sing N N 11  
A   "C4'" "C3'"  sing N N 12  
A   "C4'" "H4'"  sing N N 13  
A   "O4'" "C1'"  sing N N 14  
A   "C3'" "O3'"  sing N N 15  
A   "C3'" "C2'"  sing N N 16  
A   "C3'" "H3'"  sing N N 17  
A   "O3'" "HO3'" sing N N 18  
A   "C2'" "O2'"  sing N N 19  
A   "C2'" "C1'"  sing N N 20  
A   "C2'" "H2'"  sing N N 21  
A   "O2'" "HO2'" sing N N 22  
A   "C1'" N9     sing N N 23  
A   "C1'" "H1'"  sing N N 24  
A   N9    C8     sing Y N 25  
A   N9    C4     sing Y N 26  
A   C8    N7     doub Y N 27  
A   C8    H8     sing N N 28  
A   N7    C5     sing Y N 29  
A   C5    C6     sing Y N 30  
A   C5    C4     doub Y N 31  
A   C6    N6     sing N N 32  
A   C6    N1     doub Y N 33  
A   N6    H61    sing N N 34  
A   N6    H62    sing N N 35  
A   N1    C2     sing Y N 36  
A   C2    N3     doub Y N 37  
A   C2    H2     sing N N 38  
A   N3    C4     sing Y N 39  
C   OP3   P      sing N N 40  
C   OP3   HOP3   sing N N 41  
C   P     OP1    doub N N 42  
C   P     OP2    sing N N 43  
C   P     "O5'"  sing N N 44  
C   OP2   HOP2   sing N N 45  
C   "O5'" "C5'"  sing N N 46  
C   "C5'" "C4'"  sing N N 47  
C   "C5'" "H5'"  sing N N 48  
C   "C5'" "H5''" sing N N 49  
C   "C4'" "O4'"  sing N N 50  
C   "C4'" "C3'"  sing N N 51  
C   "C4'" "H4'"  sing N N 52  
C   "O4'" "C1'"  sing N N 53  
C   "C3'" "O3'"  sing N N 54  
C   "C3'" "C2'"  sing N N 55  
C   "C3'" "H3'"  sing N N 56  
C   "O3'" "HO3'" sing N N 57  
C   "C2'" "O2'"  sing N N 58  
C   "C2'" "C1'"  sing N N 59  
C   "C2'" "H2'"  sing N N 60  
C   "O2'" "HO2'" sing N N 61  
C   "C1'" N1     sing N N 62  
C   "C1'" "H1'"  sing N N 63  
C   N1    C2     sing N N 64  
C   N1    C6     sing N N 65  
C   C2    O2     doub N N 66  
C   C2    N3     sing N N 67  
C   N3    C4     doub N N 68  
C   C4    N4     sing N N 69  
C   C4    C5     sing N N 70  
C   N4    H41    sing N N 71  
C   N4    H42    sing N N 72  
C   C5    C6     doub N N 73  
C   C5    H5     sing N N 74  
C   C6    H6     sing N N 75  
DC  OP3   P      sing N N 76  
DC  OP3   HOP3   sing N N 77  
DC  P     OP1    doub N N 78  
DC  P     OP2    sing N N 79  
DC  P     "O5'"  sing N N 80  
DC  OP2   HOP2   sing N N 81  
DC  "O5'" "C5'"  sing N N 82  
DC  "C5'" "C4'"  sing N N 83  
DC  "C5'" "H5'"  sing N N 84  
DC  "C5'" "H5''" sing N N 85  
DC  "C4'" "O4'"  sing N N 86  
DC  "C4'" "C3'"  sing N N 87  
DC  "C4'" "H4'"  sing N N 88  
DC  "O4'" "C1'"  sing N N 89  
DC  "C3'" "O3'"  sing N N 90  
DC  "C3'" "C2'"  sing N N 91  
DC  "C3'" "H3'"  sing N N 92  
DC  "O3'" "HO3'" sing N N 93  
DC  "C2'" "C1'"  sing N N 94  
DC  "C2'" "H2'"  sing N N 95  
DC  "C2'" "H2''" sing N N 96  
DC  "C1'" N1     sing N N 97  
DC  "C1'" "H1'"  sing N N 98  
DC  N1    C2     sing N N 99  
DC  N1    C6     sing N N 100 
DC  C2    O2     doub N N 101 
DC  C2    N3     sing N N 102 
DC  N3    C4     doub N N 103 
DC  C4    N4     sing N N 104 
DC  C4    C5     sing N N 105 
DC  N4    H41    sing N N 106 
DC  N4    H42    sing N N 107 
DC  C5    C6     doub N N 108 
DC  C5    H5     sing N N 109 
DC  C6    H6     sing N N 110 
DG  OP3   P      sing N N 111 
DG  OP3   HOP3   sing N N 112 
DG  P     OP1    doub N N 113 
DG  P     OP2    sing N N 114 
DG  P     "O5'"  sing N N 115 
DG  OP2   HOP2   sing N N 116 
DG  "O5'" "C5'"  sing N N 117 
DG  "C5'" "C4'"  sing N N 118 
DG  "C5'" "H5'"  sing N N 119 
DG  "C5'" "H5''" sing N N 120 
DG  "C4'" "O4'"  sing N N 121 
DG  "C4'" "C3'"  sing N N 122 
DG  "C4'" "H4'"  sing N N 123 
DG  "O4'" "C1'"  sing N N 124 
DG  "C3'" "O3'"  sing N N 125 
DG  "C3'" "C2'"  sing N N 126 
DG  "C3'" "H3'"  sing N N 127 
DG  "O3'" "HO3'" sing N N 128 
DG  "C2'" "C1'"  sing N N 129 
DG  "C2'" "H2'"  sing N N 130 
DG  "C2'" "H2''" sing N N 131 
DG  "C1'" N9     sing N N 132 
DG  "C1'" "H1'"  sing N N 133 
DG  N9    C8     sing Y N 134 
DG  N9    C4     sing Y N 135 
DG  C8    N7     doub Y N 136 
DG  C8    H8     sing N N 137 
DG  N7    C5     sing Y N 138 
DG  C5    C6     sing N N 139 
DG  C5    C4     doub Y N 140 
DG  C6    O6     doub N N 141 
DG  C6    N1     sing N N 142 
DG  N1    C2     sing N N 143 
DG  N1    H1     sing N N 144 
DG  C2    N2     sing N N 145 
DG  C2    N3     doub N N 146 
DG  N2    H21    sing N N 147 
DG  N2    H22    sing N N 148 
DG  N3    C4     sing N N 149 
DT  OP3   P      sing N N 150 
DT  OP3   HOP3   sing N N 151 
DT  P     OP1    doub N N 152 
DT  P     OP2    sing N N 153 
DT  P     "O5'"  sing N N 154 
DT  OP2   HOP2   sing N N 155 
DT  "O5'" "C5'"  sing N N 156 
DT  "C5'" "C4'"  sing N N 157 
DT  "C5'" "H5'"  sing N N 158 
DT  "C5'" "H5''" sing N N 159 
DT  "C4'" "O4'"  sing N N 160 
DT  "C4'" "C3'"  sing N N 161 
DT  "C4'" "H4'"  sing N N 162 
DT  "O4'" "C1'"  sing N N 163 
DT  "C3'" "O3'"  sing N N 164 
DT  "C3'" "C2'"  sing N N 165 
DT  "C3'" "H3'"  sing N N 166 
DT  "O3'" "HO3'" sing N N 167 
DT  "C2'" "C1'"  sing N N 168 
DT  "C2'" "H2'"  sing N N 169 
DT  "C2'" "H2''" sing N N 170 
DT  "C1'" N1     sing N N 171 
DT  "C1'" "H1'"  sing N N 172 
DT  N1    C2     sing N N 173 
DT  N1    C6     sing N N 174 
DT  C2    O2     doub N N 175 
DT  C2    N3     sing N N 176 
DT  N3    C4     sing N N 177 
DT  N3    H3     sing N N 178 
DT  C4    O4     doub N N 179 
DT  C4    C5     sing N N 180 
DT  C5    C7     sing N N 181 
DT  C5    C6     doub N N 182 
DT  C7    H71    sing N N 183 
DT  C7    H72    sing N N 184 
DT  C7    H73    sing N N 185 
DT  C6    H6     sing N N 186 
G   OP3   P      sing N N 187 
G   OP3   HOP3   sing N N 188 
G   P     OP1    doub N N 189 
G   P     OP2    sing N N 190 
G   P     "O5'"  sing N N 191 
G   OP2   HOP2   sing N N 192 
G   "O5'" "C5'"  sing N N 193 
G   "C5'" "C4'"  sing N N 194 
G   "C5'" "H5'"  sing N N 195 
G   "C5'" "H5''" sing N N 196 
G   "C4'" "O4'"  sing N N 197 
G   "C4'" "C3'"  sing N N 198 
G   "C4'" "H4'"  sing N N 199 
G   "O4'" "C1'"  sing N N 200 
G   "C3'" "O3'"  sing N N 201 
G   "C3'" "C2'"  sing N N 202 
G   "C3'" "H3'"  sing N N 203 
G   "O3'" "HO3'" sing N N 204 
G   "C2'" "O2'"  sing N N 205 
G   "C2'" "C1'"  sing N N 206 
G   "C2'" "H2'"  sing N N 207 
G   "O2'" "HO2'" sing N N 208 
G   "C1'" N9     sing N N 209 
G   "C1'" "H1'"  sing N N 210 
G   N9    C8     sing Y N 211 
G   N9    C4     sing Y N 212 
G   C8    N7     doub Y N 213 
G   C8    H8     sing N N 214 
G   N7    C5     sing Y N 215 
G   C5    C6     sing N N 216 
G   C5    C4     doub Y N 217 
G   C6    O6     doub N N 218 
G   C6    N1     sing N N 219 
G   N1    C2     sing N N 220 
G   N1    H1     sing N N 221 
G   C2    N2     sing N N 222 
G   C2    N3     doub N N 223 
G   N2    H21    sing N N 224 
G   N2    H22    sing N N 225 
G   N3    C4     sing N N 226 
HOH O     H1     sing N N 227 
HOH O     H2     sing N N 228 
U   OP3   P      sing N N 229 
U   OP3   HOP3   sing N N 230 
U   P     OP1    doub N N 231 
U   P     OP2    sing N N 232 
U   P     "O5'"  sing N N 233 
U   OP2   HOP2   sing N N 234 
U   "O5'" "C5'"  sing N N 235 
U   "C5'" "C4'"  sing N N 236 
U   "C5'" "H5'"  sing N N 237 
U   "C5'" "H5''" sing N N 238 
U   "C4'" "O4'"  sing N N 239 
U   "C4'" "C3'"  sing N N 240 
U   "C4'" "H4'"  sing N N 241 
U   "O4'" "C1'"  sing N N 242 
U   "C3'" "O3'"  sing N N 243 
U   "C3'" "C2'"  sing N N 244 
U   "C3'" "H3'"  sing N N 245 
U   "O3'" "HO3'" sing N N 246 
U   "C2'" "O2'"  sing N N 247 
U   "C2'" "C1'"  sing N N 248 
U   "C2'" "H2'"  sing N N 249 
U   "O2'" "HO2'" sing N N 250 
U   "C1'" N1     sing N N 251 
U   "C1'" "H1'"  sing N N 252 
U   N1    C2     sing N N 253 
U   N1    C6     sing N N 254 
U   C2    O2     doub N N 255 
U   C2    N3     sing N N 256 
U   N3    C4     sing N N 257 
U   N3    H3     sing N N 258 
U   C4    O4     doub N N 259 
U   C4    C5     sing N N 260 
U   C5    C6     doub N N 261 
U   C5    H5     sing N N 262 
U   C6    H6     sing N N 263 
# 
loop_
_ndb_struct_conf_na.entry_id 
_ndb_struct_conf_na.feature 
398D 'double helix'        
398D 'a-form double helix' 
# 
loop_
_ndb_struct_na_base_pair.model_number 
_ndb_struct_na_base_pair.i_label_asym_id 
_ndb_struct_na_base_pair.i_label_comp_id 
_ndb_struct_na_base_pair.i_label_seq_id 
_ndb_struct_na_base_pair.i_symmetry 
_ndb_struct_na_base_pair.j_label_asym_id 
_ndb_struct_na_base_pair.j_label_comp_id 
_ndb_struct_na_base_pair.j_label_seq_id 
_ndb_struct_na_base_pair.j_symmetry 
_ndb_struct_na_base_pair.shear 
_ndb_struct_na_base_pair.stretch 
_ndb_struct_na_base_pair.stagger 
_ndb_struct_na_base_pair.buckle 
_ndb_struct_na_base_pair.propeller 
_ndb_struct_na_base_pair.opening 
_ndb_struct_na_base_pair.pair_number 
_ndb_struct_na_base_pair.pair_name 
_ndb_struct_na_base_pair.i_auth_asym_id 
_ndb_struct_na_base_pair.i_auth_seq_id 
_ndb_struct_na_base_pair.i_PDB_ins_code 
_ndb_struct_na_base_pair.j_auth_asym_id 
_ndb_struct_na_base_pair.j_auth_seq_id 
_ndb_struct_na_base_pair.j_PDB_ins_code 
_ndb_struct_na_base_pair.hbond_type_28 
_ndb_struct_na_base_pair.hbond_type_12 
1 A G 1 1_555 B DC 8 1_555 -0.190 -0.135 0.077  -9.227  -14.536 -2.360 1  A_G1:DC16_B  A 1  ? B 16 ? 19 1 
1 A C 2 1_555 B DG 7 1_555 0.154  -0.109 0.302  -7.677  -6.041  0.574  2  A_C2:DG15_B  A 2  ? B 15 ? 19 1 
1 A A 3 1_555 B DT 6 1_555 -0.004 -0.142 0.246  3.235   -13.488 2.465  3  A_A3:DT14_B  A 3  ? B 14 ? 20 1 
1 A G 4 1_555 B DC 5 1_555 -0.102 -0.229 0.068  -3.767  -12.224 -1.474 4  A_G4:DC13_B  A 4  ? B 13 ? 19 1 
1 A U 5 1_555 B A  4 1_555 0.081  -0.165 0.041  -1.937  -9.802  -2.366 5  A_U5:A12_B   A 5  ? B 12 ? 20 1 
1 A G 6 1_555 B C  3 1_555 -0.175 -0.191 0.002  -3.228  -11.686 -0.406 6  A_G6:C11_B   A 6  ? B 11 ? 19 1 
1 A G 7 1_555 B C  2 1_555 -0.344 -0.139 0.066  -10.142 -13.005 -0.954 7  A_G7:C10_B   A 7  ? B 10 ? 19 1 
1 A C 8 1_555 B G  1 1_555 0.137  -0.158 0.222  -7.286  -6.042  0.405  8  A_C8:G9_B    A 8  ? B 9  ? 19 1 
1 C G 1 1_555 D DC 8 1_555 -0.403 -0.146 0.133  -10.643 -0.607  0.081  9  C_G17:DC32_D C 17 ? D 32 ? 19 1 
1 C C 2 1_555 D DG 7 1_555 0.200  -0.154 -0.058 -7.336  -13.732 0.291  10 C_C18:DG31_D C 18 ? D 31 ? 19 1 
1 C A 3 1_555 D DT 6 1_555 -0.031 -0.161 -0.011 -4.523  -12.509 -0.971 11 C_A19:DT30_D C 19 ? D 30 ? 20 1 
1 C G 4 1_555 D DC 5 1_555 -0.263 -0.144 0.150  -0.577  -12.200 -0.098 12 C_G20:DC29_D C 20 ? D 29 ? 19 1 
1 C U 5 1_555 D A  4 1_555 0.137  -0.094 0.423  -2.933  -14.459 7.485  13 C_U21:A28_D  C 21 ? D 28 ? 20 1 
1 C G 6 1_555 D C  3 1_555 -0.143 -0.085 -0.055 -5.537  -10.619 0.021  14 C_G22:C27_D  C 22 ? D 27 ? 19 1 
1 C G 7 1_555 D C  2 1_555 -0.099 -0.159 -0.352 -9.097  -13.911 0.918  15 C_G23:C26_D  C 23 ? D 26 ? 19 1 
1 C C 8 1_555 D G  1 1_555 0.188  -0.013 0.357  -5.111  1.788   0.841  16 C_C24:G25_D  C 24 ? D 25 ? 19 1 
# 
loop_
_ndb_struct_na_base_pair_step.model_number 
_ndb_struct_na_base_pair_step.i_label_asym_id_1 
_ndb_struct_na_base_pair_step.i_label_comp_id_1 
_ndb_struct_na_base_pair_step.i_label_seq_id_1 
_ndb_struct_na_base_pair_step.i_symmetry_1 
_ndb_struct_na_base_pair_step.j_label_asym_id_1 
_ndb_struct_na_base_pair_step.j_label_comp_id_1 
_ndb_struct_na_base_pair_step.j_label_seq_id_1 
_ndb_struct_na_base_pair_step.j_symmetry_1 
_ndb_struct_na_base_pair_step.i_label_asym_id_2 
_ndb_struct_na_base_pair_step.i_label_comp_id_2 
_ndb_struct_na_base_pair_step.i_label_seq_id_2 
_ndb_struct_na_base_pair_step.i_symmetry_2 
_ndb_struct_na_base_pair_step.j_label_asym_id_2 
_ndb_struct_na_base_pair_step.j_label_comp_id_2 
_ndb_struct_na_base_pair_step.j_label_seq_id_2 
_ndb_struct_na_base_pair_step.j_symmetry_2 
_ndb_struct_na_base_pair_step.shift 
_ndb_struct_na_base_pair_step.slide 
_ndb_struct_na_base_pair_step.rise 
_ndb_struct_na_base_pair_step.tilt 
_ndb_struct_na_base_pair_step.roll 
_ndb_struct_na_base_pair_step.twist 
_ndb_struct_na_base_pair_step.x_displacement 
_ndb_struct_na_base_pair_step.y_displacement 
_ndb_struct_na_base_pair_step.helical_rise 
_ndb_struct_na_base_pair_step.inclination 
_ndb_struct_na_base_pair_step.tip 
_ndb_struct_na_base_pair_step.helical_twist 
_ndb_struct_na_base_pair_step.step_number 
_ndb_struct_na_base_pair_step.step_name 
_ndb_struct_na_base_pair_step.i_auth_asym_id_1 
_ndb_struct_na_base_pair_step.i_auth_seq_id_1 
_ndb_struct_na_base_pair_step.i_PDB_ins_code_1 
_ndb_struct_na_base_pair_step.j_auth_asym_id_1 
_ndb_struct_na_base_pair_step.j_auth_seq_id_1 
_ndb_struct_na_base_pair_step.j_PDB_ins_code_1 
_ndb_struct_na_base_pair_step.i_auth_asym_id_2 
_ndb_struct_na_base_pair_step.i_auth_seq_id_2 
_ndb_struct_na_base_pair_step.i_PDB_ins_code_2 
_ndb_struct_na_base_pair_step.j_auth_asym_id_2 
_ndb_struct_na_base_pair_step.j_auth_seq_id_2 
_ndb_struct_na_base_pair_step.j_PDB_ins_code_2 
1 A G 1 1_555 B DC 8 1_555 A C 2 1_555 B DG 7 1_555 0.303  -1.321 3.218 -0.604 1.799  37.563  -2.278 -0.546 3.149 2.792   0.937  
37.610  1  AA_G1C2:DG15DC16_BB   A 1  ? B 16 ? A 2  ? B 15 ? 
1 A C 2 1_555 B DG 7 1_555 A A 3 1_555 B DT 6 1_555 0.358  -1.653 2.856 1.592  8.630  26.702  -5.030 -0.438 2.240 18.077  -3.334 
28.082  2  AA_C2A3:DT14DG15_BB   A 2  ? B 15 ? A 3  ? B 14 ? 
1 A A 3 1_555 B DT 6 1_555 A G 4 1_555 B DC 5 1_555 -0.666 -1.212 3.388 -1.102 7.567  34.901  -3.073 0.926  3.085 12.432  1.811  
35.704  3  AA_A3G4:DC13DT14_BB   A 3  ? B 14 ? A 4  ? B 13 ? 
1 A G 4 1_555 B DC 5 1_555 A U 5 1_555 B A  4 1_555 -0.241 -1.183 3.213 -2.154 10.251 31.787  -3.635 0.087  2.722 18.111  3.806  
33.426  4  AA_G4U5:A12DC13_BB    A 4  ? B 13 ? A 5  ? B 12 ? 
1 A U 5 1_555 B A  4 1_555 A G 6 1_555 B C  3 1_555 0.302  -1.394 3.137 0.043  11.182 32.176  -3.974 -0.510 2.527 19.456  -0.075 
34.015  5  AA_U5G6:C11A12_BB     A 5  ? B 12 ? A 6  ? B 11 ? 
1 A G 6 1_555 B C  3 1_555 A G 7 1_555 B C  2 1_555 0.458  -2.056 3.350 0.291  7.424  30.510  -5.130 -0.794 2.789 13.850  -0.542 
31.381  6  AA_G6G7:C10C11_BB     A 6  ? B 11 ? A 7  ? B 10 ? 
1 A G 7 1_555 B C  2 1_555 A C 8 1_555 B G  1 1_555 0.881  -2.137 3.162 3.256  3.654  33.068  -4.287 -1.024 2.986 6.376   -5.681 
33.418  7  AA_G7C8:G9C10_BB      A 7  ? B 10 ? A 8  ? B 9  ? 
1 A C 8 1_555 B G  1 1_555 C G 1 1_555 D DC 8 1_555 -0.391 -3.847 3.258 3.057  4.967  -18.203 8.641  0.637  4.159 -15.202 9.357  
-19.107 8  AC_C8G17:DC32G9_DB    A 8  ? B 9  ? C 17 ? D 32 ? 
1 C G 1 1_555 D DC 8 1_555 C C 2 1_555 D DG 7 1_555 -0.653 -1.144 3.455 1.011  11.055 35.681  -3.256 1.156  2.964 17.526  -1.603 
37.315  9  CC_G17C18:DG31DC32_DD C 17 ? D 32 ? C 18 ? D 31 ? 
1 C C 2 1_555 D DG 7 1_555 C A 3 1_555 D DT 6 1_555 0.936  -1.550 3.160 1.328  17.873 23.686  -6.139 -1.601 1.656 37.433  -2.782 
29.625  10 CC_C18A19:DT30DG31_DD C 18 ? D 31 ? C 19 ? D 30 ? 
1 C A 3 1_555 D DT 6 1_555 C G 4 1_555 D DC 5 1_555 0.264  -1.455 3.236 -0.116 4.546  33.122  -3.251 -0.477 3.014 7.927   0.202  
33.424  11 CC_A19G20:DC29DT30_DD C 19 ? D 30 ? C 20 ? D 29 ? 
1 C G 4 1_555 D DC 5 1_555 C U 5 1_555 D A  4 1_555 0.331  -1.233 3.249 -1.470 9.975  33.094  -3.523 -0.771 2.756 17.026  2.509  
34.555  12 CC_G20U21:A28DC29_DD  C 20 ? D 29 ? C 21 ? D 28 ? 
1 C U 5 1_555 D A  4 1_555 C G 6 1_555 D C  3 1_555 -0.270 -1.440 3.197 1.439  10.833 30.088  -4.385 0.726  2.525 20.054  -2.664 
31.968  13 CC_U21G22:C27A28_DD   C 21 ? D 28 ? C 22 ? D 27 ? 
1 C G 6 1_555 D C  3 1_555 C G 7 1_555 D C  2 1_555 0.269  -1.824 3.370 1.709  6.915  30.411  -4.668 -0.185 2.905 12.960  -3.203 
31.215  14 CC_G22G23:C26C27_DD   C 22 ? D 27 ? C 23 ? D 26 ? 
1 C G 7 1_555 D C  2 1_555 C C 8 1_555 D G  1 1_555 0.578  -2.272 3.134 -1.250 7.824  33.143  -4.974 -1.162 2.525 13.477  2.154  
34.051  15 CC_G23C24:G25C26_DD   C 23 ? D 26 ? C 24 ? D 25 ? 
# 
_pdbx_initial_refinement_model.accession_code   ? 
_pdbx_initial_refinement_model.id               1 
_pdbx_initial_refinement_model.entity_id_list   ? 
_pdbx_initial_refinement_model.type             'in silico model' 
_pdbx_initial_refinement_model.source_name      Other 
_pdbx_initial_refinement_model.details          'CANONICAL A-RNA MODEL OF IDENTICAL SIZE AND SEQUENCE' 
# 
_atom_sites.entry_id                    398D 
_atom_sites.Cartn_transform_axes        ? 
_atom_sites.fract_transf_matrix[1][1]   0.02243705 
_atom_sites.fract_transf_matrix[1][2]   -0.00346018 
_atom_sites.fract_transf_matrix[1][3]   0.00565913 
_atom_sites.fract_transf_matrix[2][1]   -0.00638143 
_atom_sites.fract_transf_matrix[2][2]   -0.01341201 
_atom_sites.fract_transf_matrix[2][3]   0.01710023 
_atom_sites.fract_transf_matrix[3][1]   0.00060795 
_atom_sites.fract_transf_matrix[3][2]   -0.01525437 
_atom_sites.fract_transf_matrix[3][3]   -0.01173740 
_atom_sites.fract_transf_vector[1]      0.434205 
_atom_sites.fract_transf_vector[2]      0.343442 
_atom_sites.fract_transf_vector[3]      0.057400 
# 
loop_
_atom_type.symbol 
C 
N 
O 
P 
# 
loop_
_atom_site.group_PDB 
_atom_site.id 
_atom_site.type_symbol 
_atom_site.label_atom_id 
_atom_site.label_alt_id 
_atom_site.label_comp_id 
_atom_site.label_asym_id 
_atom_site.label_entity_id 
_atom_site.label_seq_id 
_atom_site.pdbx_PDB_ins_code 
_atom_site.Cartn_x 
_atom_site.Cartn_y 
_atom_site.Cartn_z 
_atom_site.occupancy 
_atom_site.B_iso_or_equiv 
_atom_site.pdbx_formal_charge 
_atom_site.auth_seq_id 
_atom_site.auth_comp_id 
_atom_site.auth_asym_id 
_atom_site.auth_atom_id 
_atom_site.pdbx_PDB_model_num 
ATOM   1   O "O5'" . G   A 1 1 ? -9.407  3.913   13.632  1.00 24.36 ? 1  G   A "O5'" 1 
ATOM   2   C "C5'" . G   A 1 1 ? -10.758 3.657   13.376  1.00 19.70 ? 1  G   A "C5'" 1 
ATOM   3   C "C4'" . G   A 1 1 ? -11.393 4.807   12.635  1.00 20.40 ? 1  G   A "C4'" 1 
ATOM   4   O "O4'" . G   A 1 1 ? -11.412 6.003   13.471  1.00 19.23 ? 1  G   A "O4'" 1 
ATOM   5   C "C3'" . G   A 1 1 ? -10.659 5.249   11.377  1.00 14.27 ? 1  G   A "C3'" 1 
ATOM   6   O "O3'" . G   A 1 1 ? -11.059 4.492   10.256  1.00 16.49 ? 1  G   A "O3'" 1 
ATOM   7   C "C2'" . G   A 1 1 ? -11.159 6.664   11.203  1.00 16.69 ? 1  G   A "C2'" 1 
ATOM   8   O "O2'" . G   A 1 1 ? -12.428 6.580   10.612  1.00 17.62 ? 1  G   A "O2'" 1 
ATOM   9   C "C1'" . G   A 1 1 ? -11.273 7.157   12.647  1.00 15.47 ? 1  G   A "C1'" 1 
ATOM   10  N N9    . G   A 1 1 ? -10.076 7.892   13.041  1.00 17.51 ? 1  G   A N9    1 
ATOM   11  C C8    . G   A 1 1 ? -9.127  7.477   13.943  1.00 14.68 ? 1  G   A C8    1 
ATOM   12  N N7    . G   A 1 1 ? -8.151  8.333   14.081  1.00 19.98 ? 1  G   A N7    1 
ATOM   13  C C5    . G   A 1 1 ? -8.470  9.383   13.217  1.00 14.72 ? 1  G   A C5    1 
ATOM   14  C C6    . G   A 1 1 ? -7.796  10.609  12.974  1.00 15.79 ? 1  G   A C6    1 
ATOM   15  O O6    . G   A 1 1 ? -6.744  11.019  13.469  1.00 13.42 ? 1  G   A O6    1 
ATOM   16  N N1    . G   A 1 1 ? -8.478  11.404  12.061  1.00 14.23 ? 1  G   A N1    1 
ATOM   17  C C2    . G   A 1 1 ? -9.635  11.085  11.461  1.00 16.74 ? 1  G   A C2    1 
ATOM   18  N N2    . G   A 1 1 ? -10.087 12.017  10.607  1.00 10.91 ? 1  G   A N2    1 
ATOM   19  N N3    . G   A 1 1 ? -10.298 9.942   11.677  1.00 16.18 ? 1  G   A N3    1 
ATOM   20  C C4    . G   A 1 1 ? -9.650  9.141   12.569  1.00 17.99 ? 1  G   A C4    1 
ATOM   21  P P     . C   A 1 2 ? -10.010 4.213   9.056   1.00 19.25 ? 2  C   A P     1 
ATOM   22  O OP1   . C   A 1 2 ? -10.587 3.168   8.171   1.00 16.74 ? 2  C   A OP1   1 
ATOM   23  O OP2   . C   A 1 2 ? -8.710  4.001   9.667   1.00 18.39 ? 2  C   A OP2   1 
ATOM   24  O "O5'" . C   A 1 2 ? -9.902  5.606   8.286   1.00 16.80 ? 2  C   A "O5'" 1 
ATOM   25  C "C5'" . C   A 1 2 ? -11.011 6.100   7.544   1.00 18.18 ? 2  C   A "C5'" 1 
ATOM   26  C "C4'" . C   A 1 2 ? -10.734 7.484   7.036   1.00 16.69 ? 2  C   A "C4'" 1 
ATOM   27  O "O4'" . C   A 1 2 ? -10.503 8.361   8.159   1.00 17.77 ? 2  C   A "O4'" 1 
ATOM   28  C "C3'" . C   A 1 2 ? -9.457  7.632   6.232   1.00 22.40 ? 2  C   A "C3'" 1 
ATOM   29  O "O3'" . C   A 1 2 ? -9.576  7.229   4.890   1.00 31.57 ? 2  C   A "O3'" 1 
ATOM   30  C "C2'" . C   A 1 2 ? -9.138  9.111   6.368   1.00 18.32 ? 2  C   A "C2'" 1 
ATOM   31  O "O2'" . C   A 1 2 ? -9.974  9.845   5.503   1.00 16.77 ? 2  C   A "O2'" 1 
ATOM   32  C "C1'" . C   A 1 2 ? -9.542  9.356   7.808   1.00 15.33 ? 2  C   A "C1'" 1 
ATOM   33  N N1    . C   A 1 2 ? -8.401  9.244   8.725   1.00 15.82 ? 2  C   A N1    1 
ATOM   34  C C2    . C   A 1 2 ? -7.488  10.335  8.815   1.00 15.66 ? 2  C   A C2    1 
ATOM   35  O O2    . C   A 1 2 ? -7.662  11.315  8.091   1.00 20.84 ? 2  C   A O2    1 
ATOM   36  N N3    . C   A 1 2 ? -6.457  10.274  9.676   1.00 12.98 ? 2  C   A N3    1 
ATOM   37  C C4    . C   A 1 2 ? -6.297  9.177   10.442  1.00 22.28 ? 2  C   A C4    1 
ATOM   38  N N4    . C   A 1 2 ? -5.255  9.154   11.318  1.00 16.79 ? 2  C   A N4    1 
ATOM   39  C C5    . C   A 1 2 ? -7.194  8.047   10.356  1.00 13.13 ? 2  C   A C5    1 
ATOM   40  C C6    . C   A 1 2 ? -8.219  8.125   9.491   1.00 14.26 ? 2  C   A C6    1 
ATOM   41  P P     . A   A 1 3 ? -8.288  6.625   4.150   1.00 33.80 ? 3  A   A P     1 
ATOM   42  O OP1   . A   A 1 3 ? -8.892  6.169   2.873   1.00 34.96 ? 3  A   A OP1   1 
ATOM   43  O OP2   . A   A 1 3 ? -7.586  5.649   5.023   1.00 34.35 ? 3  A   A OP2   1 
ATOM   44  O "O5'" . A   A 1 3 ? -7.296  7.880   4.005   1.00 32.04 ? 3  A   A "O5'" 1 
ATOM   45  C "C5'" . A   A 1 3 ? -7.663  9.017   3.217   1.00 29.22 ? 3  A   A "C5'" 1 
ATOM   46  C "C4'" . A   A 1 3 ? -6.691  10.180  3.377   1.00 27.77 ? 3  A   A "C4'" 1 
ATOM   47  O "O4'" . A   A 1 3 ? -6.645  10.606  4.758   1.00 25.33 ? 3  A   A "O4'" 1 
ATOM   48  C "C3'" . A   A 1 3 ? -5.226  9.953   3.018   1.00 26.89 ? 3  A   A "C3'" 1 
ATOM   49  O "O3'" . A   A 1 3 ? -5.021  10.098  1.629   1.00 28.22 ? 3  A   A "O3'" 1 
ATOM   50  C "C2'" . A   A 1 3 ? -4.533  11.063  3.788   1.00 27.84 ? 3  A   A "C2'" 1 
ATOM   51  O "O2'" . A   A 1 3 ? -4.726  12.312  3.153   1.00 26.24 ? 3  A   A "O2'" 1 
ATOM   52  C "C1'" . A   A 1 3 ? -5.359  11.110  5.057   1.00 23.94 ? 3  A   A "C1'" 1 
ATOM   53  N N9    . A   A 1 3 ? -4.765  10.377  6.169   1.00 21.89 ? 3  A   A N9    1 
ATOM   54  C C8    . A   A 1 3 ? -5.000  9.107   6.669   1.00 20.63 ? 3  A   A C8    1 
ATOM   55  N N7    . A   A 1 3 ? -4.260  8.812   7.720   1.00 22.80 ? 3  A   A N7    1 
ATOM   56  C C5    . A   A 1 3 ? -3.489  9.958   7.920   1.00 17.84 ? 3  A   A C5    1 
ATOM   57  C C6    . A   A 1 3 ? -2.493  10.282  8.864   1.00 15.95 ? 3  A   A C6    1 
ATOM   58  N N6    . A   A 1 3 ? -2.066  9.456   9.802   1.00 11.04 ? 3  A   A N6    1 
ATOM   59  N N1    . A   A 1 3 ? -1.927  11.511  8.787   1.00 20.78 ? 3  A   A N1    1 
ATOM   60  C C2    . A   A 1 3 ? -2.330  12.345  7.809   1.00 17.78 ? 3  A   A C2    1 
ATOM   61  N N3    . A   A 1 3 ? -3.242  12.149  6.852   1.00 16.57 ? 3  A   A N3    1 
ATOM   62  C C4    . A   A 1 3 ? -3.788  10.922  6.967   1.00 19.83 ? 3  A   A C4    1 
ATOM   63  P P     . G   A 1 4 ? -3.619  9.689   0.976   1.00 26.10 ? 4  G   A P     1 
ATOM   64  O OP1   . G   A 1 4 ? -3.802  9.907   -0.478  1.00 31.25 ? 4  G   A OP1   1 
ATOM   65  O OP2   . G   A 1 4 ? -3.142  8.409   1.473   1.00 25.45 ? 4  G   A OP2   1 
ATOM   66  O "O5'" . G   A 1 4 ? -2.629  10.791  1.488   1.00 25.41 ? 4  G   A "O5'" 1 
ATOM   67  C "C5'" . G   A 1 4 ? -2.575  12.026  0.846   1.00 24.52 ? 4  G   A "C5'" 1 
ATOM   68  C "C4'" . G   A 1 4 ? -1.436  12.789  1.404   1.00 27.61 ? 4  G   A "C4'" 1 
ATOM   69  O "O4'" . G   A 1 4 ? -1.635  12.887  2.836   1.00 29.35 ? 4  G   A "O4'" 1 
ATOM   70  C "C3'" . G   A 1 4 ? -0.094  12.093  1.280   1.00 25.80 ? 4  G   A "C3'" 1 
ATOM   71  O "O3'" . G   A 1 4 ? 0.518   12.294  0.030   1.00 24.25 ? 4  G   A "O3'" 1 
ATOM   72  C "C2'" . G   A 1 4 ? 0.695   12.710  2.417   1.00 28.89 ? 4  G   A "C2'" 1 
ATOM   73  O "O2'" . G   A 1 4 ? 1.157   14.011  2.122   1.00 22.47 ? 4  G   A "O2'" 1 
ATOM   74  C "C1'" . G   A 1 4 ? -0.380  12.829  3.489   1.00 25.36 ? 4  G   A "C1'" 1 
ATOM   75  N N9    . G   A 1 4 ? -0.398  11.687  4.389   1.00 23.05 ? 4  G   A N9    1 
ATOM   76  C C8    . G   A 1 4 ? -1.226  10.588  4.350   1.00 21.17 ? 4  G   A C8    1 
ATOM   77  N N7    . G   A 1 4 ? -1.015  9.760   5.337   1.00 21.32 ? 4  G   A N7    1 
ATOM   78  C C5    . G   A 1 4 ? 0.019   10.342  6.052   1.00 17.29 ? 4  G   A C5    1 
ATOM   79  C C6    . G   A 1 4 ? 0.653   9.926   7.218   1.00 16.18 ? 4  G   A C6    1 
ATOM   80  O O6    . G   A 1 4 ? 0.440   8.906   7.878   1.00 16.68 ? 4  G   A O6    1 
ATOM   81  N N1    . G   A 1 4 ? 1.636   10.830  7.616   1.00 13.20 ? 4  G   A N1    1 
ATOM   82  C C2    . G   A 1 4 ? 1.967   11.981  6.949   1.00 18.92 ? 4  G   A C2    1 
ATOM   83  N N2    . G   A 1 4 ? 2.960   12.704  7.449   1.00 21.83 ? 4  G   A N2    1 
ATOM   84  N N3    . G   A 1 4 ? 1.370   12.385  5.856   1.00 21.48 ? 4  G   A N3    1 
ATOM   85  C C4    . G   A 1 4 ? 0.412   11.526  5.466   1.00 21.41 ? 4  G   A C4    1 
ATOM   86  P P     . U   A 1 5 ? 1.520   11.183  -0.528  1.00 24.34 ? 5  U   A P     1 
ATOM   87  O OP1   . U   A 1 5 ? 1.968   11.677  -1.856  1.00 30.49 ? 5  U   A OP1   1 
ATOM   88  O OP2   . U   A 1 5 ? 0.879   9.845   -0.418  1.00 23.56 ? 5  U   A OP2   1 
ATOM   89  O "O5'" . U   A 1 5 ? 2.775   11.364  0.406   1.00 26.12 ? 5  U   A "O5'" 1 
ATOM   90  C "C5'" . U   A 1 5 ? 3.616   12.505  0.217   1.00 28.65 ? 5  U   A "C5'" 1 
ATOM   91  C "C4'" . U   A 1 5 ? 4.691   12.546  1.269   1.00 28.45 ? 5  U   A "C4'" 1 
ATOM   92  O "O4'" . U   A 1 5 ? 4.085   12.591  2.587   1.00 30.85 ? 5  U   A "O4'" 1 
ATOM   93  C "C3'" . U   A 1 5 ? 5.582   11.325  1.342   1.00 27.37 ? 5  U   A "C3'" 1 
ATOM   94  O "O3'" . U   A 1 5 ? 6.601   11.342  0.400   1.00 24.46 ? 5  U   A "O3'" 1 
ATOM   95  C "C2'" . U   A 1 5 ? 6.115   11.377  2.759   1.00 28.93 ? 5  U   A "C2'" 1 
ATOM   96  O "O2'" . U   A 1 5 ? 7.096   12.389  2.869   1.00 24.74 ? 5  U   A "O2'" 1 
ATOM   97  C "C1'" . U   A 1 5 ? 4.880   11.854  3.502   1.00 27.88 ? 5  U   A "C1'" 1 
ATOM   98  N N1    . U   A 1 5 ? 4.095   10.722  4.014   1.00 21.65 ? 5  U   A N1    1 
ATOM   99  C C2    . U   A 1 5 ? 4.549   10.158  5.188   1.00 20.53 ? 5  U   A C2    1 
ATOM   100 O O2    . U   A 1 5 ? 5.553   10.536  5.755   1.00 21.44 ? 5  U   A O2    1 
ATOM   101 N N3    . U   A 1 5 ? 3.793   9.132   5.666   1.00 17.67 ? 5  U   A N3    1 
ATOM   102 C C4    . U   A 1 5 ? 2.655   8.604   5.093   1.00 21.69 ? 5  U   A C4    1 
ATOM   103 O O4    . U   A 1 5 ? 2.080   7.682   5.673   1.00 18.30 ? 5  U   A O4    1 
ATOM   104 C C5    . U   A 1 5 ? 2.247   9.241   3.853   1.00 18.23 ? 5  U   A C5    1 
ATOM   105 C C6    . U   A 1 5 ? 2.970   10.253  3.374   1.00 17.90 ? 5  U   A C6    1 
ATOM   106 P P     . G   A 1 6 ? 7.029   9.975   -0.236  1.00 24.22 ? 6  G   A P     1 
ATOM   107 O OP1   . G   A 1 6 ? 7.847   10.319  -1.410  1.00 31.92 ? 6  G   A OP1   1 
ATOM   108 O OP2   . G   A 1 6 ? 5.761   9.289   -0.415  1.00 24.95 ? 6  G   A OP2   1 
ATOM   109 O "O5'" . G   A 1 6 ? 7.897   9.270   0.901   1.00 25.94 ? 6  G   A "O5'" 1 
ATOM   110 C "C5'" . G   A 1 6 ? 9.191   9.801   1.226   1.00 25.81 ? 6  G   A "C5'" 1 
ATOM   111 C "C4'" . G   A 1 6 ? 9.713   9.224   2.516   1.00 22.43 ? 6  G   A "C4'" 1 
ATOM   112 O "O4'" . G   A 1 6 ? 8.777   9.492   3.602   1.00 22.87 ? 6  G   A "O4'" 1 
ATOM   113 C "C3'" . G   A 1 6 ? 9.825   7.712   2.528   1.00 23.38 ? 6  G   A "C3'" 1 
ATOM   114 O "O3'" . G   A 1 6 ? 10.989  7.258   1.886   1.00 25.74 ? 6  G   A "O3'" 1 
ATOM   115 C "C2'" . G   A 1 6 ? 9.813   7.381   4.010   1.00 20.40 ? 6  G   A "C2'" 1 
ATOM   116 O "O2'" . G   A 1 6 ? 11.110  7.560   4.547   1.00 18.04 ? 6  G   A "O2'" 1 
ATOM   117 C "C1'" . G   A 1 6 ? 8.814   8.414   4.538   1.00 21.46 ? 6  G   A "C1'" 1 
ATOM   118 N N9    . G   A 1 6 ? 7.517   7.756   4.536   1.00 20.38 ? 6  G   A N9    1 
ATOM   119 C C8    . G   A 1 6 ? 6.505   7.878   3.605   1.00 17.90 ? 6  G   A C8    1 
ATOM   120 N N7    . G   A 1 6 ? 5.489   7.104   3.855   1.00 14.04 ? 6  G   A N7    1 
ATOM   121 C C5    . G   A 1 6 ? 5.840   6.451   5.032   1.00 21.46 ? 6  G   A C5    1 
ATOM   122 C C6    . G   A 1 6 ? 5.127   5.487   5.809   1.00 20.80 ? 6  G   A C6    1 
ATOM   123 O O6    . G   A 1 6 ? 3.999   5.030   5.612   1.00 20.91 ? 6  G   A O6    1 
ATOM   124 N N1    . G   A 1 6 ? 5.871   5.069   6.917   1.00 14.68 ? 6  G   A N1    1 
ATOM   125 C C2    . G   A 1 6 ? 7.122   5.525   7.236   1.00 18.02 ? 6  G   A C2    1 
ATOM   126 N N2    . G   A 1 6 ? 7.670   4.987   8.311   1.00 16.41 ? 6  G   A N2    1 
ATOM   127 N N3    . G   A 1 6 ? 7.783   6.436   6.542   1.00 15.55 ? 6  G   A N3    1 
ATOM   128 C C4    . G   A 1 6 ? 7.090   6.846   5.461   1.00 17.45 ? 6  G   A C4    1 
ATOM   129 P P     . G   A 1 7 ? 11.014  5.785   1.267   1.00 24.34 ? 7  G   A P     1 
ATOM   130 O OP1   . G   A 1 7 ? 12.339  5.566   0.647   1.00 26.01 ? 7  G   A OP1   1 
ATOM   131 O OP2   . G   A 1 7 ? 9.782   5.594   0.496   1.00 21.56 ? 7  G   A OP2   1 
ATOM   132 O "O5'" . G   A 1 7 ? 10.946  4.808   2.518   1.00 26.61 ? 7  G   A "O5'" 1 
ATOM   133 C "C5'" . G   A 1 7 ? 12.091  4.637   3.331   1.00 22.84 ? 7  G   A "C5'" 1 
ATOM   134 C "C4'" . G   A 1 7 ? 11.762  3.794   4.520   1.00 23.31 ? 7  G   A "C4'" 1 
ATOM   135 O "O4'" . G   A 1 7 ? 10.585  4.355   5.166   1.00 24.18 ? 7  G   A "O4'" 1 
ATOM   136 C "C3'" . G   A 1 7 ? 11.297  2.386   4.197   1.00 25.64 ? 7  G   A "C3'" 1 
ATOM   137 O "O3'" . G   A 1 7 ? 12.307  1.442   3.835   1.00 32.87 ? 7  G   A "O3'" 1 
ATOM   138 C "C2'" . G   A 1 7 ? 10.519  2.012   5.445   1.00 25.38 ? 7  G   A "C2'" 1 
ATOM   139 O "O2'" . G   A 1 7 ? 11.307  1.639   6.538   1.00 26.19 ? 7  G   A "O2'" 1 
ATOM   140 C "C1'" . G   A 1 7 ? 9.837   3.320   5.772   1.00 21.63 ? 7  G   A "C1'" 1 
ATOM   141 N N9    . G   A 1 7 ? 8.508   3.205   5.191   1.00 21.74 ? 7  G   A N9    1 
ATOM   142 C C8    . G   A 1 7 ? 7.977   3.839   4.102   1.00 19.88 ? 7  G   A C8    1 
ATOM   143 N N7    . G   A 1 7 ? 6.751   3.466   3.844   1.00 15.39 ? 7  G   A N7    1 
ATOM   144 C C5    . G   A 1 7 ? 6.451   2.525   4.824   1.00 17.95 ? 7  G   A C5    1 
ATOM   145 C C6    . G   A 1 7 ? 5.252   1.771   5.066   1.00 18.74 ? 7  G   A C6    1 
ATOM   146 O O6    . G   A 1 7 ? 4.197   1.800   4.435   1.00 18.17 ? 7  G   A O6    1 
ATOM   147 N N1    . G   A 1 7 ? 5.383   0.923   6.174   1.00 13.30 ? 7  G   A N1    1 
ATOM   148 C C2    . G   A 1 7 ? 6.508   0.809   6.955   1.00 19.74 ? 7  G   A C2    1 
ATOM   149 N N2    . G   A 1 7 ? 6.452   -0.066  7.981   1.00 17.18 ? 7  G   A N2    1 
ATOM   150 N N3    . G   A 1 7 ? 7.626   1.510   6.747   1.00 25.12 ? 7  G   A N3    1 
ATOM   151 C C4    . G   A 1 7 ? 7.520   2.348   5.667   1.00 23.74 ? 7  G   A C4    1 
ATOM   152 P P     . C   A 1 8 ? 12.012  0.392   2.622   1.00 31.20 ? 8  C   A P     1 
ATOM   153 O OP1   . C   A 1 8 ? 13.311  -0.213  2.233   1.00 34.37 ? 8  C   A OP1   1 
ATOM   154 O OP2   . C   A 1 8 ? 11.153  1.032   1.579   1.00 31.33 ? 8  C   A OP2   1 
ATOM   155 O "O5'" . C   A 1 8 ? 11.119  -0.724  3.315   1.00 28.09 ? 8  C   A "O5'" 1 
ATOM   156 C "C5'" . C   A 1 8 ? 11.603  -1.356  4.477   1.00 23.15 ? 8  C   A "C5'" 1 
ATOM   157 C "C4'" . C   A 1 8 ? 10.533  -2.175  5.134   1.00 24.77 ? 8  C   A "C4'" 1 
ATOM   158 O "O4'" . C   A 1 8 ? 9.381   -1.331  5.411   1.00 21.33 ? 8  C   A "O4'" 1 
ATOM   159 C "C3'" . C   A 1 8 ? 9.917   -3.284  4.288   1.00 27.47 ? 8  C   A "C3'" 1 
ATOM   160 O "O3'" . C   A 1 8 ? 10.656  -4.390  3.761   1.00 29.46 ? 8  C   A "O3'" 1 
ATOM   161 C "C2'" . C   A 1 8 ? 8.597   -3.537  5.002   1.00 27.06 ? 8  C   A "C2'" 1 
ATOM   162 O "O2'" . C   A 1 8 ? 8.823   -4.264  6.203   1.00 31.50 ? 8  C   A "O2'" 1 
ATOM   163 C "C1'" . C   A 1 8 ? 8.200   -2.119  5.382   1.00 21.01 ? 8  C   A "C1'" 1 
ATOM   164 N N1    . C   A 1 8 ? 7.213   -1.554  4.457   1.00 20.22 ? 8  C   A N1    1 
ATOM   165 C C2    . C   A 1 8 ? 5.885   -2.005  4.579   1.00 16.71 ? 8  C   A C2    1 
ATOM   166 O O2    . C   A 1 8 ? 5.612   -2.833  5.470   1.00 19.29 ? 8  C   A O2    1 
ATOM   167 N N3    . C   A 1 8 ? 4.952   -1.537  3.740   1.00 13.79 ? 8  C   A N3    1 
ATOM   168 C C4    . C   A 1 8 ? 5.283   -0.662  2.795   1.00 15.41 ? 8  C   A C4    1 
ATOM   169 N N4    . C   A 1 8 ? 4.321   -0.258  1.986   1.00 14.99 ? 8  C   A N4    1 
ATOM   170 C C5    . C   A 1 8 ? 6.617   -0.172  2.647   1.00 14.58 ? 8  C   A C5    1 
ATOM   171 C C6    . C   A 1 8 ? 7.546   -0.639  3.500   1.00 13.86 ? 8  C   A C6    1 
ATOM   172 O "O5'" . G   B 2 1 ? -5.161  -2.327  4.948   1.00 28.93 ? 9  G   B "O5'" 1 
ATOM   173 C "C5'" . G   B 2 1 ? -5.451  -2.996  6.165   1.00 20.16 ? 9  G   B "C5'" 1 
ATOM   174 C "C4'" . G   B 2 1 ? -4.276  -3.800  6.645   1.00 21.25 ? 9  G   B "C4'" 1 
ATOM   175 O "O4'" . G   B 2 1 ? -3.514  -4.277  5.497   1.00 19.30 ? 9  G   B "O4'" 1 
ATOM   176 C "C3'" . G   B 2 1 ? -3.251  -3.052  7.470   1.00 20.37 ? 9  G   B "C3'" 1 
ATOM   177 O "O3'" . G   B 2 1 ? -3.657  -2.947  8.823   1.00 20.68 ? 9  G   B "O3'" 1 
ATOM   178 C "C2'" . G   B 2 1 ? -1.989  -3.893  7.256   1.00 18.88 ? 9  G   B "C2'" 1 
ATOM   179 O "O2'" . G   B 2 1 ? -1.978  -5.072  8.042   1.00 17.65 ? 9  G   B "O2'" 1 
ATOM   180 C "C1'" . G   B 2 1 ? -2.136  -4.303  5.793   1.00 16.24 ? 9  G   B "C1'" 1 
ATOM   181 N N9    . G   B 2 1 ? -1.489  -3.373  4.882   1.00 12.10 ? 9  G   B N9    1 
ATOM   182 C C8    . G   B 2 1 ? -2.112  -2.549  3.979   1.00 11.34 ? 9  G   B C8    1 
ATOM   183 N N7    . G   B 2 1 ? -1.279  -1.786  3.322   1.00 12.55 ? 9  G   B N7    1 
ATOM   184 C C5    . G   B 2 1 ? -0.035  -2.153  3.808   1.00 9.77  ? 9  G   B C5    1 
ATOM   185 C C6    . G   B 2 1 ? 1.248   -1.711  3.447   1.00 13.89 ? 9  G   B C6    1 
ATOM   186 O O6    . G   B 2 1 ? 1.556   -0.879  2.592   1.00 18.09 ? 9  G   B O6    1 
ATOM   187 N N1    . G   B 2 1 ? 2.251   -2.366  4.181   1.00 12.54 ? 9  G   B N1    1 
ATOM   188 C C2    . G   B 2 1 ? 2.029   -3.328  5.123   1.00 8.81  ? 9  G   B C2    1 
ATOM   189 N N2    . G   B 2 1 ? 3.116   -3.812  5.732   1.00 6.34  ? 9  G   B N2    1 
ATOM   190 N N3    . G   B 2 1 ? 0.827   -3.765  5.455   1.00 11.73 ? 9  G   B N3    1 
ATOM   191 C C4    . G   B 2 1 ? -0.153  -3.136  4.768   1.00 9.58  ? 9  G   B C4    1 
ATOM   192 P P     . C   B 2 2 ? -3.136  -1.720  9.716   1.00 22.22 ? 10 C   B P     1 
ATOM   193 O OP1   . C   B 2 2 ? -3.812  -1.856  11.013  1.00 28.38 ? 10 C   B OP1   1 
ATOM   194 O OP2   . C   B 2 2 ? -3.370  -0.550  8.906   1.00 22.43 ? 10 C   B OP2   1 
ATOM   195 O "O5'" . C   B 2 2 ? -1.611  -2.019  10.015  1.00 19.69 ? 10 C   B "O5'" 1 
ATOM   196 C "C5'" . C   B 2 2 ? -1.257  -3.167  10.802  1.00 20.92 ? 10 C   B "C5'" 1 
ATOM   197 C "C4'" . C   B 2 2 ? 0.232   -3.294  10.891  1.00 19.33 ? 10 C   B "C4'" 1 
ATOM   198 O "O4'" . C   B 2 2 ? 0.757   -3.500  9.570   1.00 22.11 ? 10 C   B "O4'" 1 
ATOM   199 C "C3'" . C   B 2 2 ? 0.942   -2.034  11.351  1.00 23.74 ? 10 C   B "C3'" 1 
ATOM   200 O "O3'" . C   B 2 2 ? 0.999   -1.939  12.736  1.00 26.98 ? 10 C   B "O3'" 1 
ATOM   201 C "C2'" . C   B 2 2 ? 2.325   -2.202  10.781  1.00 17.35 ? 10 C   B "C2'" 1 
ATOM   202 O "O2'" . C   B 2 2 ? 3.051   -3.148  11.505  1.00 23.40 ? 10 C   B "O2'" 1 
ATOM   203 C "C1'" . C   B 2 2 ? 1.991   -2.828  9.452   1.00 20.46 ? 10 C   B "C1'" 1 
ATOM   204 N N1    . C   B 2 2 ? 1.835   -1.798  8.442   1.00 15.64 ? 10 C   B N1    1 
ATOM   205 C C2    . C   B 2 2 ? 2.973   -1.214  7.954   1.00 15.97 ? 10 C   B C2    1 
ATOM   206 O O2    . C   B 2 2 ? 4.084   -1.535  8.466   1.00 16.67 ? 10 C   B O2    1 
ATOM   207 N N3    . C   B 2 2 ? 2.866   -0.321  6.953   1.00 13.96 ? 10 C   B N3    1 
ATOM   208 C C4    . C   B 2 2 ? 1.670   -0.005  6.459   1.00 14.16 ? 10 C   B C4    1 
ATOM   209 N N4    . C   B 2 2 ? 1.625   0.854   5.438   1.00 11.18 ? 10 C   B N4    1 
ATOM   210 C C5    . C   B 2 2 ? 0.475   -0.559  6.980   1.00 15.01 ? 10 C   B C5    1 
ATOM   211 C C6    . C   B 2 2 ? 0.604   -1.447  7.967   1.00 15.82 ? 10 C   B C6    1 
ATOM   212 P P     . C   B 2 3 ? 0.905   -0.506  13.410  1.00 24.90 ? 11 C   B P     1 
ATOM   213 O OP1   . C   B 2 3 ? 0.752   -0.808  14.845  1.00 28.88 ? 11 C   B OP1   1 
ATOM   214 O OP2   . C   B 2 3 ? -0.072  0.356   12.755  1.00 20.80 ? 11 C   B OP2   1 
ATOM   215 O "O5'" . C   B 2 3 ? 2.372   0.064   13.158  1.00 30.63 ? 11 C   B "O5'" 1 
ATOM   216 C "C5'" . C   B 2 3 ? 3.484   -0.561  13.817  1.00 27.75 ? 11 C   B "C5'" 1 
ATOM   217 C "C4'" . C   B 2 3 ? 4.765   0.130   13.462  1.00 25.26 ? 11 C   B "C4'" 1 
ATOM   218 O "O4'" . C   B 2 3 ? 4.966   0.004   12.038  1.00 21.60 ? 11 C   B "O4'" 1 
ATOM   219 C "C3'" . C   B 2 3 ? 4.784   1.624   13.691  1.00 24.50 ? 11 C   B "C3'" 1 
ATOM   220 O "O3'" . C   B 2 3 ? 5.045   2.033   15.015  1.00 23.26 ? 11 C   B "O3'" 1 
ATOM   221 C "C2'" . C   B 2 3 ? 5.871   2.064   12.733  1.00 26.26 ? 11 C   B "C2'" 1 
ATOM   222 O "O2'" . C   B 2 3 ? 7.130   1.717   13.267  1.00 23.75 ? 11 C   B "O2'" 1 
ATOM   223 C "C1'" . C   B 2 3 ? 5.593   1.159   11.544  1.00 23.69 ? 11 C   B "C1'" 1 
ATOM   224 N N1    . C   B 2 3 ? 4.725   1.776   10.518  1.00 18.11 ? 11 C   B N1    1 
ATOM   225 C C2    . C   B 2 3 ? 5.332   2.652   9.608   1.00 18.33 ? 11 C   B C2    1 
ATOM   226 O O2    . C   B 2 3 ? 6.528   2.901   9.754   1.00 19.92 ? 11 C   B O2    1 
ATOM   227 N N3    . C   B 2 3 ? 4.599   3.198   8.606   1.00 13.78 ? 11 C   B N3    1 
ATOM   228 C C4    . C   B 2 3 ? 3.300   2.915   8.509   1.00 16.94 ? 11 C   B C4    1 
ATOM   229 N N4    . C   B 2 3 ? 2.614   3.480   7.497   1.00 11.15 ? 11 C   B N4    1 
ATOM   230 C C5    . C   B 2 3 ? 2.638   2.032   9.451   1.00 15.06 ? 11 C   B C5    1 
ATOM   231 C C6    . C   B 2 3 ? 3.389   1.491   10.424  1.00 15.04 ? 11 C   B C6    1 
ATOM   232 P P     . A   B 2 4 ? 4.470   3.453   15.499  1.00 24.50 ? 12 A   B P     1 
ATOM   233 O OP1   . A   B 2 4 ? 4.642   3.616   16.953  1.00 32.10 ? 12 A   B OP1   1 
ATOM   234 O OP2   . A   B 2 4 ? 3.137   3.642   14.915  1.00 19.62 ? 12 A   B OP2   1 
ATOM   235 O "O5'" . A   B 2 4 ? 5.451   4.491   14.811  1.00 21.81 ? 12 A   B "O5'" 1 
ATOM   236 C "C5'" . A   B 2 4 ? 6.806   4.627   15.245  1.00 20.42 ? 12 A   B "C5'" 1 
ATOM   237 C "C4'" . A   B 2 4 ? 7.457   5.732   14.465  1.00 22.45 ? 12 A   B "C4'" 1 
ATOM   238 O "O4'" . A   B 2 4 ? 7.445   5.357   13.063  1.00 23.13 ? 12 A   B "O4'" 1 
ATOM   239 C "C3'" . A   B 2 4 ? 6.691   7.048   14.472  1.00 23.54 ? 12 A   B "C3'" 1 
ATOM   240 O "O3'" . A   B 2 4 ? 7.007   7.820   15.591  1.00 23.58 ? 12 A   B "O3'" 1 
ATOM   241 C "C2'" . A   B 2 4 ? 7.166   7.715   13.194  1.00 23.78 ? 12 A   B "C2'" 1 
ATOM   242 O "O2'" . A   B 2 4 ? 8.473   8.219   13.426  1.00 24.96 ? 12 A   B "O2'" 1 
ATOM   243 C "C1'" . A   B 2 4 ? 7.251   6.514   12.256  1.00 22.46 ? 12 A   B "C1'" 1 
ATOM   244 N N9    . A   B 2 4 ? 6.019   6.349   11.491  1.00 18.82 ? 12 A   B N9    1 
ATOM   245 C C8    . A   B 2 4 ? 4.920   5.565   11.752  1.00 15.12 ? 12 A   B C8    1 
ATOM   246 N N7    . A   B 2 4 ? 3.989   5.652   10.833  1.00 17.89 ? 12 A   B N7    1 
ATOM   247 C C5    . A   B 2 4 ? 4.513   6.558   9.914   1.00 13.24 ? 12 A   B C5    1 
ATOM   248 C C6    . A   B 2 4 ? 4.013   7.101   8.709   1.00 18.88 ? 12 A   B C6    1 
ATOM   249 N N6    . A   B 2 4 ? 2.828   6.800   8.204   1.00 18.30 ? 12 A   B N6    1 
ATOM   250 N N1    . A   B 2 4 ? 4.792   7.995   8.037   1.00 18.39 ? 12 A   B N1    1 
ATOM   251 C C2    . A   B 2 4 ? 5.979   8.310   8.550   1.00 20.82 ? 12 A   B C2    1 
ATOM   252 N N3    . A   B 2 4 ? 6.550   7.870   9.677   1.00 21.72 ? 12 A   B N3    1 
ATOM   253 C C4    . A   B 2 4 ? 5.756   6.988   10.312  1.00 16.99 ? 12 A   B C4    1 
ATOM   254 P P     . DC  B 2 5 ? 5.863   8.691   16.277  1.00 30.17 ? 13 DC  B P     1 
ATOM   255 O OP1   . DC  B 2 5 ? 6.464   9.022   17.602  1.00 31.16 ? 13 DC  B OP1   1 
ATOM   256 O OP2   . DC  B 2 5 ? 4.537   8.007   16.202  1.00 29.35 ? 13 DC  B OP2   1 
ATOM   257 O "O5'" . DC  B 2 5 ? 5.754   10.009  15.384  1.00 29.15 ? 13 DC  B "O5'" 1 
ATOM   258 C "C5'" . DC  B 2 5 ? 6.876   10.876  15.273  1.00 29.42 ? 13 DC  B "C5'" 1 
ATOM   259 C "C4'" . DC  B 2 5 ? 6.787   11.745  14.044  1.00 25.57 ? 13 DC  B "C4'" 1 
ATOM   260 O "O4'" . DC  B 2 5 ? 6.664   10.912  12.880  1.00 27.38 ? 13 DC  B "O4'" 1 
ATOM   261 C "C3'" . DC  B 2 5 ? 5.585   12.664  13.964  1.00 29.64 ? 13 DC  B "C3'" 1 
ATOM   262 O "O3'" . DC  B 2 5 ? 5.779   13.876  14.681  1.00 33.19 ? 13 DC  B "O3'" 1 
ATOM   263 C "C2'" . DC  B 2 5 ? 5.474   12.922  12.479  1.00 26.37 ? 13 DC  B "C2'" 1 
ATOM   264 C "C1'" . DC  B 2 5 ? 5.873   11.580  11.901  1.00 25.27 ? 13 DC  B "C1'" 1 
ATOM   265 N N1    . DC  B 2 5 ? 4.705   10.747  11.577  1.00 20.05 ? 13 DC  B N1    1 
ATOM   266 C C2    . DC  B 2 5 ? 4.075   10.979  10.363  1.00 19.31 ? 13 DC  B C2    1 
ATOM   267 O O2    . DC  B 2 5 ? 4.539   11.865  9.616   1.00 24.87 ? 13 DC  B O2    1 
ATOM   268 N N3    . DC  B 2 5 ? 2.992   10.251  10.026  1.00 15.94 ? 13 DC  B N3    1 
ATOM   269 C C4    . DC  B 2 5 ? 2.546   9.319   10.843  1.00 12.56 ? 13 DC  B C4    1 
ATOM   270 N N4    . DC  B 2 5 ? 1.474   8.620   10.456  1.00 11.94 ? 13 DC  B N4    1 
ATOM   271 C C5    . DC  B 2 5 ? 3.178   9.058   12.100  1.00 12.31 ? 13 DC  B C5    1 
ATOM   272 C C6    . DC  B 2 5 ? 4.241   9.790   12.420  1.00 11.26 ? 13 DC  B C6    1 
ATOM   273 P P     . DT  B 2 6 ? 4.497   14.690  15.202  1.00 34.46 ? 14 DT  B P     1 
ATOM   274 O OP1   . DT  B 2 6 ? 5.030   15.805  16.012  1.00 37.32 ? 14 DT  B OP1   1 
ATOM   275 O OP2   . DT  B 2 6 ? 3.598   13.673  15.806  1.00 35.33 ? 14 DT  B OP2   1 
ATOM   276 O "O5'" . DT  B 2 6 ? 3.841   15.278  13.888  1.00 33.43 ? 14 DT  B "O5'" 1 
ATOM   277 C "C5'" . DT  B 2 6 ? 4.518   16.279  13.122  1.00 32.80 ? 14 DT  B "C5'" 1 
ATOM   278 C "C4'" . DT  B 2 6 ? 3.753   16.522  11.850  1.00 31.86 ? 14 DT  B "C4'" 1 
ATOM   279 O "O4'" . DT  B 2 6 ? 3.658   15.277  11.114  1.00 32.54 ? 14 DT  B "O4'" 1 
ATOM   280 C "C3'" . DT  B 2 6 ? 2.305   16.888  12.106  1.00 31.70 ? 14 DT  B "C3'" 1 
ATOM   281 O "O3'" . DT  B 2 6 ? 2.115   18.270  12.354  1.00 36.81 ? 14 DT  B "O3'" 1 
ATOM   282 C "C2'" . DT  B 2 6 ? 1.638   16.478  10.821  1.00 29.21 ? 14 DT  B "C2'" 1 
ATOM   283 C "C1'" . DT  B 2 6 ? 2.398   15.221  10.458  1.00 27.82 ? 14 DT  B "C1'" 1 
ATOM   284 N N1    . DT  B 2 6 ? 1.683   14.024  10.916  1.00 20.98 ? 14 DT  B N1    1 
ATOM   285 C C2    . DT  B 2 6 ? 0.666   13.569  10.095  1.00 20.94 ? 14 DT  B C2    1 
ATOM   286 O O2    . DT  B 2 6 ? 0.345   14.122  9.045   1.00 24.49 ? 14 DT  B O2    1 
ATOM   287 N N3    . DT  B 2 6 ? 0.028   12.456  10.536  1.00 20.23 ? 14 DT  B N3    1 
ATOM   288 C C4    . DT  B 2 6 ? 0.273   11.754  11.690  1.00 19.49 ? 14 DT  B C4    1 
ATOM   289 O O4    . DT  B 2 6 ? -0.400  10.756  11.931  1.00 19.99 ? 14 DT  B O4    1 
ATOM   290 C C5    . DT  B 2 6 ? 1.341   12.296  12.526  1.00 21.80 ? 14 DT  B C5    1 
ATOM   291 C C7    . DT  B 2 6 ? 1.655   11.632  13.823  1.00 20.23 ? 14 DT  B C7    1 
ATOM   292 C C6    . DT  B 2 6 ? 1.995   13.390  12.088  1.00 19.83 ? 14 DT  B C6    1 
ATOM   293 P P     . DG  B 2 7 ? 0.807   18.734  13.164  1.00 39.31 ? 15 DG  B P     1 
ATOM   294 O OP1   . DG  B 2 7 ? 1.041   20.123  13.684  1.00 37.65 ? 15 DG  B OP1   1 
ATOM   295 O OP2   . DG  B 2 7 ? 0.459   17.606  14.104  1.00 37.75 ? 15 DG  B OP2   1 
ATOM   296 O "O5'" . DG  B 2 7 ? -0.392  18.745  12.111  1.00 33.39 ? 15 DG  B "O5'" 1 
ATOM   297 C "C5'" . DG  B 2 7 ? -0.419  19.623  10.983  1.00 25.85 ? 15 DG  B "C5'" 1 
ATOM   298 C "C4'" . DG  B 2 7 ? -1.563  19.200  10.109  1.00 25.46 ? 15 DG  B "C4'" 1 
ATOM   299 O "O4'" . DG  B 2 7 ? -1.396  17.784  9.876   1.00 26.94 ? 15 DG  B "O4'" 1 
ATOM   300 C "C3'" . DG  B 2 7 ? -2.903  19.290  10.833  1.00 28.33 ? 15 DG  B "C3'" 1 
ATOM   301 O "O3'" . DG  B 2 7 ? -3.512  20.569  10.581  1.00 33.26 ? 15 DG  B "O3'" 1 
ATOM   302 C "C2'" . DG  B 2 7 ? -3.723  18.229  10.133  1.00 31.22 ? 15 DG  B "C2'" 1 
ATOM   303 C "C1'" . DG  B 2 7 ? -2.684  17.179  9.778   1.00 27.57 ? 15 DG  B "C1'" 1 
ATOM   304 N N9    . DG  B 2 7 ? -2.702  15.919  10.515  1.00 18.09 ? 15 DG  B N9    1 
ATOM   305 C C8    . DG  B 2 7 ? -1.953  15.532  11.605  1.00 21.60 ? 15 DG  B C8    1 
ATOM   306 N N7    . DG  B 2 7 ? -2.237  14.325  12.017  1.00 17.04 ? 15 DG  B N7    1 
ATOM   307 C C5    . DG  B 2 7 ? -3.227  13.888  11.137  1.00 18.47 ? 15 DG  B C5    1 
ATOM   308 C C6    . DG  B 2 7 ? -3.947  12.639  11.071  1.00 14.72 ? 15 DG  B C6    1 
ATOM   309 O O6    . DG  B 2 7 ? -3.838  11.647  11.806  1.00 14.84 ? 15 DG  B O6    1 
ATOM   310 N N1    . DG  B 2 7 ? -4.868  12.636  10.010  1.00 16.12 ? 15 DG  B N1    1 
ATOM   311 C C2    . DG  B 2 7 ? -5.075  13.701  9.137   1.00 20.25 ? 15 DG  B C2    1 
ATOM   312 N N2    . DG  B 2 7 ? -5.995  13.553  8.173   1.00 14.90 ? 15 DG  B N2    1 
ATOM   313 N N3    . DG  B 2 7 ? -4.414  14.850  9.203   1.00 15.09 ? 15 DG  B N3    1 
ATOM   314 C C4    . DG  B 2 7 ? -3.517  14.871  10.209  1.00 16.65 ? 15 DG  B C4    1 
ATOM   315 P P     . DC  B 2 8 ? -4.895  20.981  11.328  1.00 32.10 ? 16 DC  B P     1 
ATOM   316 O OP1   . DC  B 2 8 ? -5.270  22.377  10.893  1.00 29.94 ? 16 DC  B OP1   1 
ATOM   317 O OP2   . DC  B 2 8 ? -4.580  20.704  12.757  1.00 30.67 ? 16 DC  B OP2   1 
ATOM   318 O "O5'" . DC  B 2 8 ? -5.977  19.971  10.745  1.00 27.41 ? 16 DC  B "O5'" 1 
ATOM   319 C "C5'" . DC  B 2 8 ? -6.635  20.286  9.542   1.00 22.26 ? 16 DC  B "C5'" 1 
ATOM   320 C "C4'" . DC  B 2 8 ? -7.680  19.250  9.208   1.00 21.52 ? 16 DC  B "C4'" 1 
ATOM   321 O "O4'" . DC  B 2 8 ? -7.063  17.948  9.116   1.00 20.79 ? 16 DC  B "O4'" 1 
ATOM   322 C "C3'" . DC  B 2 8 ? -8.805  19.061  10.224  1.00 17.10 ? 16 DC  B "C3'" 1 
ATOM   323 O "O3'" . DC  B 2 8 ? -9.957  19.849  10.079  1.00 22.79 ? 16 DC  B "O3'" 1 
ATOM   324 C "C2'" . DC  B 2 8 ? -9.309  17.680  9.899   1.00 13.15 ? 16 DC  B "C2'" 1 
ATOM   325 C "C1'" . DC  B 2 8 ? -8.039  16.951  9.508   1.00 18.57 ? 16 DC  B "C1'" 1 
ATOM   326 N N1    . DC  B 2 8 ? -7.479  16.148  10.605  1.00 16.17 ? 16 DC  B N1    1 
ATOM   327 C C2    . DC  B 2 8 ? -7.904  14.848  10.740  1.00 14.07 ? 16 DC  B C2    1 
ATOM   328 O O2    . DC  B 2 8 ? -8.764  14.411  9.954   1.00 15.21 ? 16 DC  B O2    1 
ATOM   329 N N3    . DC  B 2 8 ? -7.392  14.095  11.706  1.00 14.35 ? 16 DC  B N3    1 
ATOM   330 C C4    . DC  B 2 8 ? -6.486  14.592  12.528  1.00 15.56 ? 16 DC  B C4    1 
ATOM   331 N N4    . DC  B 2 8 ? -5.996  13.776  13.464  1.00 15.15 ? 16 DC  B N4    1 
ATOM   332 C C5    . DC  B 2 8 ? -6.040  15.934  12.430  1.00 15.18 ? 16 DC  B C5    1 
ATOM   333 C C6    . DC  B 2 8 ? -6.558  16.673  11.470  1.00 15.65 ? 16 DC  B C6    1 
ATOM   334 O "O5'" . G   C 1 1 ? 6.655   -3.271  -0.387  1.00 16.32 ? 17 G   C "O5'" 1 
ATOM   335 C "C5'" . G   C 1 1 ? 7.791   -3.559  0.423   1.00 13.56 ? 17 G   C "C5'" 1 
ATOM   336 C "C4'" . G   C 1 1 ? 7.371   -4.511  1.491   1.00 12.19 ? 17 G   C "C4'" 1 
ATOM   337 O "O4'" . G   C 1 1 ? 6.318   -3.886  2.261   1.00 18.90 ? 17 G   C "O4'" 1 
ATOM   338 C "C3'" . G   C 1 1 ? 6.756   -5.827  1.009   1.00 16.12 ? 17 G   C "C3'" 1 
ATOM   339 O "O3'" . G   C 1 1 ? 7.773   -6.788  0.755   1.00 19.67 ? 17 G   C "O3'" 1 
ATOM   340 C "C2'" . G   C 1 1 ? 5.896   -6.232  2.200   1.00 13.96 ? 17 G   C "C2'" 1 
ATOM   341 O "O2'" . G   C 1 1 ? 6.742   -6.671  3.245   1.00 14.05 ? 17 G   C "O2'" 1 
ATOM   342 C "C1'" . G   C 1 1 ? 5.372   -4.876  2.656   1.00 19.64 ? 17 G   C "C1'" 1 
ATOM   343 N N9    . G   C 1 1 ? 4.090   -4.520  2.068   1.00 14.53 ? 17 G   C N9    1 
ATOM   344 C C8    . G   C 1 1 ? 3.852   -3.526  1.153   1.00 18.09 ? 17 G   C C8    1 
ATOM   345 N N7    . G   C 1 1 ? 2.593   -3.416  0.830   1.00 19.87 ? 17 G   C N7    1 
ATOM   346 C C5    . G   C 1 1 ? 1.965   -4.408  1.571   1.00 16.56 ? 17 G   C C5    1 
ATOM   347 C C6    . G   C 1 1 ? 0.589   -4.775  1.640   1.00 13.31 ? 17 G   C C6    1 
ATOM   348 O O6    . G   C 1 1 ? -0.377  -4.280  1.021   1.00 11.71 ? 17 G   C O6    1 
ATOM   349 N N1    . G   C 1 1 ? 0.390   -5.829  2.539   1.00 7.01  ? 17 G   C N1    1 
ATOM   350 C C2    . G   C 1 1 ? 1.398   -6.442  3.265   1.00 11.05 ? 17 G   C C2    1 
ATOM   351 N N2    . G   C 1 1 ? 1.034   -7.416  4.070   1.00 14.93 ? 17 G   C N2    1 
ATOM   352 N N3    . G   C 1 1 ? 2.670   -6.116  3.201   1.00 15.41 ? 17 G   C N3    1 
ATOM   353 C C4    . G   C 1 1 ? 2.883   -5.096  2.342   1.00 18.03 ? 17 G   C C4    1 
ATOM   354 P P     . C   C 1 2 ? 7.512   -7.988  -0.293  1.00 19.32 ? 18 C   C P     1 
ATOM   355 O OP1   . C   C 1 2 ? 8.837   -8.634  -0.405  1.00 22.81 ? 18 C   C OP1   1 
ATOM   356 O OP2   . C   C 1 2 ? 6.793   -7.533  -1.523  1.00 16.48 ? 18 C   C OP2   1 
ATOM   357 O "O5'" . C   C 1 2 ? 6.528   -8.975  0.479   1.00 22.26 ? 18 C   C "O5'" 1 
ATOM   358 C "C5'" . C   C 1 2 ? 6.928   -9.646  1.709   1.00 20.75 ? 18 C   C "C5'" 1 
ATOM   359 C "C4'" . C   C 1 2 ? 5.809   -10.560 2.159   1.00 21.49 ? 18 C   C "C4'" 1 
ATOM   360 O "O4'" . C   C 1 2 ? 4.667   -9.791  2.574   1.00 20.27 ? 18 C   C "O4'" 1 
ATOM   361 C "C3'" . C   C 1 2 ? 5.271   -11.414 1.038   1.00 23.49 ? 18 C   C "C3'" 1 
ATOM   362 O "O3'" . C   C 1 2 ? 6.084   -12.550 0.939   1.00 25.65 ? 18 C   C "O3'" 1 
ATOM   363 C "C2'" . C   C 1 2 ? 3.857   -11.728 1.496   1.00 23.02 ? 18 C   C "C2'" 1 
ATOM   364 O "O2'" . C   C 1 2 ? 3.804   -12.748 2.459   1.00 22.46 ? 18 C   C "O2'" 1 
ATOM   365 C "C1'" . C   C 1 2 ? 3.478   -10.426 2.173   1.00 18.28 ? 18 C   C "C1'" 1 
ATOM   366 N N1    . C   C 1 2 ? 2.797   -9.496  1.279   1.00 18.98 ? 18 C   C N1    1 
ATOM   367 C C2    . C   C 1 2 ? 1.415   -9.545  1.213   1.00 17.92 ? 18 C   C C2    1 
ATOM   368 O O2    . C   C 1 2 ? 0.820   -10.415 1.888   1.00 22.36 ? 18 C   C O2    1 
ATOM   369 N N3    . C   C 1 2 ? 0.761   -8.660  0.427   1.00 17.35 ? 18 C   C N3    1 
ATOM   370 C C4    . C   C 1 2 ? 1.454   -7.749  -0.279  1.00 13.90 ? 18 C   C C4    1 
ATOM   371 N N4    . C   C 1 2 ? 0.765   -6.872  -1.020  1.00 9.40  ? 18 C   C N4    1 
ATOM   372 C C5    . C   C 1 2 ? 2.881   -7.696  -0.244  1.00 16.78 ? 18 C   C C5    1 
ATOM   373 C C6    . C   C 1 2 ? 3.506   -8.586  0.538   1.00 14.60 ? 18 C   C C6    1 
ATOM   374 P P     . A   C 1 3 ? 6.258   -13.254 -0.469  1.00 26.53 ? 19 A   C P     1 
ATOM   375 O OP1   . A   C 1 3 ? 7.180   -14.402 -0.200  1.00 30.94 ? 19 A   C OP1   1 
ATOM   376 O OP2   . A   C 1 3 ? 6.636   -12.210 -1.463  1.00 23.55 ? 19 A   C OP2   1 
ATOM   377 O "O5'" . A   C 1 3 ? 4.795   -13.816 -0.746  1.00 26.24 ? 19 A   C "O5'" 1 
ATOM   378 C "C5'" . A   C 1 3 ? 4.186   -13.703 -2.021  1.00 21.15 ? 19 A   C "C5'" 1 
ATOM   379 C "C4'" . A   C 1 3 ? 2.739   -14.001 -1.872  1.00 15.54 ? 19 A   C "C4'" 1 
ATOM   380 O "O4'" . A   C 1 3 ? 2.137   -12.929 -1.112  1.00 15.93 ? 19 A   C "O4'" 1 
ATOM   381 C "C3'" . A   C 1 3 ? 1.956   -14.026 -3.160  1.00 18.51 ? 19 A   C "C3'" 1 
ATOM   382 O "O3'" . A   C 1 3 ? 2.096   -15.282 -3.812  1.00 20.37 ? 19 A   C "O3'" 1 
ATOM   383 C "C2'" . A   C 1 3 ? 0.542   -13.742 -2.655  1.00 18.20 ? 19 A   C "C2'" 1 
ATOM   384 O "O2'" . A   C 1 3 ? -0.084  -14.817 -1.993  1.00 19.55 ? 19 A   C "O2'" 1 
ATOM   385 C "C1'" . A   C 1 3 ? 0.812   -12.714 -1.572  1.00 17.63 ? 19 A   C "C1'" 1 
ATOM   386 N N9    . A   C 1 3 ? 0.683   -11.367 -2.128  1.00 16.42 ? 19 A   C N9    1 
ATOM   387 C C8    . A   C 1 3 ? 1.687   -10.490 -2.421  1.00 18.31 ? 19 A   C C8    1 
ATOM   388 N N7    . A   C 1 3 ? 1.262   -9.357  -2.924  1.00 18.21 ? 19 A   C N7    1 
ATOM   389 C C5    . A   C 1 3 ? -0.115  -9.492  -2.953  1.00 14.72 ? 19 A   C C5    1 
ATOM   390 C C6    . A   C 1 3 ? -1.133  -8.623  -3.357  1.00 17.18 ? 19 A   C C6    1 
ATOM   391 N N6    . A   C 1 3 ? -0.895  -7.382  -3.824  1.00 13.18 ? 19 A   C N6    1 
ATOM   392 N N1    . A   C 1 3 ? -2.416  -9.063  -3.265  1.00 19.80 ? 19 A   C N1    1 
ATOM   393 C C2    . A   C 1 3 ? -2.636  -10.296 -2.799  1.00 15.95 ? 19 A   C C2    1 
ATOM   394 N N3    . A   C 1 3 ? -1.749  -11.199 -2.373  1.00 16.82 ? 19 A   C N3    1 
ATOM   395 C C4    . A   C 1 3 ? -0.491  -10.727 -2.472  1.00 14.59 ? 19 A   C C4    1 
ATOM   396 P P     . G   C 1 4 ? 1.988   -15.392 -5.406  1.00 20.64 ? 20 G   C P     1 
ATOM   397 O OP1   . G   C 1 4 ? 2.474   -16.749 -5.756  1.00 19.25 ? 20 G   C OP1   1 
ATOM   398 O OP2   . G   C 1 4 ? 2.580   -14.199 -6.051  1.00 24.38 ? 20 G   C OP2   1 
ATOM   399 O "O5'" . G   C 1 4 ? 0.449   -15.276 -5.766  1.00 17.62 ? 20 G   C "O5'" 1 
ATOM   400 C "C5'" . G   C 1 4 ? -0.490  -16.264 -5.360  1.00 15.28 ? 20 G   C "C5'" 1 
ATOM   401 C "C4'" . G   C 1 4 ? -1.882  -15.750 -5.587  1.00 15.22 ? 20 G   C "C4'" 1 
ATOM   402 O "O4'" . G   C 1 4 ? -2.040  -14.491 -4.869  1.00 21.78 ? 20 G   C "O4'" 1 
ATOM   403 C "C3'" . G   C 1 4 ? -2.172  -15.343 -7.009  1.00 17.51 ? 20 G   C "C3'" 1 
ATOM   404 O "O3'" . G   C 1 4 ? -2.557  -16.394 -7.829  1.00 18.69 ? 20 G   C "O3'" 1 
ATOM   405 C "C2'" . G   C 1 4 ? -3.304  -14.363 -6.855  1.00 12.86 ? 20 G   C "C2'" 1 
ATOM   406 O "O2'" . G   C 1 4 ? -4.492  -15.077 -6.618  1.00 18.09 ? 20 G   C "O2'" 1 
ATOM   407 C "C1'" . G   C 1 4 ? -2.886  -13.623 -5.596  1.00 16.66 ? 20 G   C "C1'" 1 
ATOM   408 N N9    . G   C 1 4 ? -2.159  -12.389 -5.908  1.00 15.49 ? 20 G   C N9    1 
ATOM   409 C C8    . G   C 1 4 ? -0.798  -12.176 -5.906  1.00 13.93 ? 20 G   C C8    1 
ATOM   410 N N7    . G   C 1 4 ? -0.472  -10.951 -6.233  1.00 14.47 ? 20 G   C N7    1 
ATOM   411 C C5    . G   C 1 4 ? -1.698  -10.314 -6.451  1.00 12.70 ? 20 G   C C5    1 
ATOM   412 C C6    . G   C 1 4 ? -2.004  -8.968  -6.834  1.00 9.62  ? 20 G   C C6    1 
ATOM   413 O O6    . G   C 1 4 ? -1.243  -8.032  -7.015  1.00 11.57 ? 20 G   C O6    1 
ATOM   414 N N1    . G   C 1 4 ? -3.362  -8.772  -6.979  1.00 9.25  ? 20 G   C N1    1 
ATOM   415 C C2    . G   C 1 4 ? -4.319  -9.717  -6.767  1.00 12.48 ? 20 G   C C2    1 
ATOM   416 N N2    . G   C 1 4 ? -5.604  -9.330  -6.937  1.00 8.65  ? 20 G   C N2    1 
ATOM   417 N N3    . G   C 1 4 ? -4.055  -10.961 -6.406  1.00 12.99 ? 20 G   C N3    1 
ATOM   418 C C4    . G   C 1 4 ? -2.740  -11.188 -6.270  1.00 14.94 ? 20 G   C C4    1 
ATOM   419 P P     . U   C 1 5 ? -2.178  -16.324 -9.375  1.00 21.54 ? 21 U   C P     1 
ATOM   420 O OP1   . U   C 1 5 ? -2.461  -17.701 -9.881  1.00 24.40 ? 21 U   C OP1   1 
ATOM   421 O OP2   . U   C 1 5 ? -0.819  -15.713 -9.538  1.00 15.51 ? 21 U   C OP2   1 
ATOM   422 O "O5'" . U   C 1 5 ? -3.264  -15.368 -9.991  1.00 18.34 ? 21 U   C "O5'" 1 
ATOM   423 C "C5'" . U   C 1 5 ? -4.646  -15.611 -9.753  1.00 18.04 ? 21 U   C "C5'" 1 
ATOM   424 C "C4'" . U   C 1 5 ? -5.434  -14.466 -10.288 1.00 17.08 ? 21 U   C "C4'" 1 
ATOM   425 O "O4'" . U   C 1 5 ? -5.250  -13.313 -9.410  1.00 16.75 ? 21 U   C "O4'" 1 
ATOM   426 C "C3'" . U   C 1 5 ? -4.945  -13.964 -11.636 1.00 17.40 ? 21 U   C "C3'" 1 
ATOM   427 O "O3'" . U   C 1 5 ? -5.426  -14.733 -12.733 1.00 21.92 ? 21 U   C "O3'" 1 
ATOM   428 C "C2'" . U   C 1 5 ? -5.471  -12.536 -11.625 1.00 18.37 ? 21 U   C "C2'" 1 
ATOM   429 O "O2'" . U   C 1 5 ? -6.858  -12.528 -11.812 1.00 21.62 ? 21 U   C "O2'" 1 
ATOM   430 C "C1'" . U   C 1 5 ? -5.251  -12.130 -10.176 1.00 11.20 ? 21 U   C "C1'" 1 
ATOM   431 N N1    . U   C 1 5 ? -3.932  -11.503 -10.069 1.00 16.20 ? 21 U   C N1    1 
ATOM   432 C C2    . U   C 1 5 ? -3.856  -10.140 -10.370 1.00 17.03 ? 21 U   C C2    1 
ATOM   433 O O2    . U   C 1 5 ? -4.827  -9.492  -10.714 1.00 16.50 ? 21 U   C O2    1 
ATOM   434 N N3    . U   C 1 5 ? -2.600  -9.581  -10.240 1.00 13.61 ? 21 U   C N3    1 
ATOM   435 C C4    . U   C 1 5 ? -1.432  -10.232 -9.863  1.00 17.74 ? 21 U   C C4    1 
ATOM   436 O O4    . U   C 1 5 ? -0.373  -9.583  -9.763  1.00 22.11 ? 21 U   C O4    1 
ATOM   437 C C5    . U   C 1 5 ? -1.594  -11.646 -9.578  1.00 15.47 ? 21 U   C C5    1 
ATOM   438 C C6    . U   C 1 5 ? -2.809  -12.217 -9.686  1.00 12.40 ? 21 U   C C6    1 
ATOM   439 P P     . G   C 1 6 ? -4.573  -14.795 -14.113 1.00 25.17 ? 22 G   C P     1 
ATOM   440 O OP1   . G   C 1 6 ? -5.211  -15.882 -14.920 1.00 27.38 ? 22 G   C OP1   1 
ATOM   441 O OP2   . G   C 1 6 ? -3.131  -14.854 -13.858 1.00 23.32 ? 22 G   C OP2   1 
ATOM   442 O "O5'" . G   C 1 6 ? -4.834  -13.393 -14.822 1.00 25.38 ? 22 G   C "O5'" 1 
ATOM   443 C "C5'" . G   C 1 6 ? -6.148  -13.053 -15.230 1.00 26.02 ? 22 G   C "C5'" 1 
ATOM   444 C "C4'" . G   C 1 6 ? -6.231  -11.607 -15.604 1.00 28.88 ? 22 G   C "C4'" 1 
ATOM   445 O "O4'" . G   C 1 6 ? -5.957  -10.813 -14.426 1.00 29.12 ? 22 G   C "O4'" 1 
ATOM   446 C "C3'" . G   C 1 6 ? -5.187  -11.114 -16.595 1.00 29.74 ? 22 G   C "C3'" 1 
ATOM   447 O "O3'" . G   C 1 6 ? -5.485  -11.344 -17.947 1.00 28.64 ? 22 G   C "O3'" 1 
ATOM   448 C "C2'" . G   C 1 6 ? -5.144  -9.625  -16.319 1.00 27.91 ? 22 G   C "C2'" 1 
ATOM   449 O "O2'" . G   C 1 6 ? -6.226  -8.938  -16.909 1.00 26.02 ? 22 G   C "O2'" 1 
ATOM   450 C "C1'" . G   C 1 6 ? -5.308  -9.613  -14.812 1.00 26.38 ? 22 G   C "C1'" 1 
ATOM   451 N N9    . G   C 1 6 ? -3.982  -9.593  -14.249 1.00 21.42 ? 22 G   C N9    1 
ATOM   452 C C8    . G   C 1 6 ? -3.270  -10.623 -13.698 1.00 22.38 ? 22 G   C C8    1 
ATOM   453 N N7    . G   C 1 6 ? -2.094  -10.251 -13.283 1.00 26.73 ? 22 G   C N7    1 
ATOM   454 C C5    . G   C 1 6 ? -2.039  -8.897  -13.586 1.00 21.18 ? 22 G   C C5    1 
ATOM   455 C C6    . G   C 1 6 ? -1.010  -7.938  -13.373 1.00 18.02 ? 22 G   C C6    1 
ATOM   456 O O6    . G   C 1 6 ? 0.110   -8.095  -12.871 1.00 15.75 ? 22 G   C O6    1 
ATOM   457 N N1    . G   C 1 6 ? -1.391  -6.678  -13.844 1.00 18.99 ? 22 G   C N1    1 
ATOM   458 C C2    . G   C 1 6 ? -2.588  -6.386  -14.462 1.00 17.41 ? 22 G   C C2    1 
ATOM   459 N N2    . G   C 1 6 ? -2.752  -5.125  -14.876 1.00 15.86 ? 22 G   C N2    1 
ATOM   460 N N3    . G   C 1 6 ? -3.543  -7.266  -14.657 1.00 17.77 ? 22 G   C N3    1 
ATOM   461 C C4    . G   C 1 6 ? -3.200  -8.492  -14.190 1.00 18.76 ? 22 G   C C4    1 
ATOM   462 P P     . G   C 1 7 ? -4.268  -11.556 -18.974 1.00 32.12 ? 23 G   C P     1 
ATOM   463 O OP1   . G   C 1 7 ? -4.894  -12.102 -20.215 1.00 37.04 ? 23 G   C OP1   1 
ATOM   464 O OP2   . G   C 1 7 ? -3.207  -12.334 -18.281 1.00 33.33 ? 23 G   C OP2   1 
ATOM   465 O "O5'" . G   C 1 7 ? -3.694  -10.104 -19.271 1.00 25.93 ? 23 G   C "O5'" 1 
ATOM   466 C "C5'" . G   C 1 7 ? -4.512  -9.133  -19.920 1.00 24.46 ? 23 G   C "C5'" 1 
ATOM   467 C "C4'" . G   C 1 7 ? -3.888  -7.764  -19.836 1.00 25.32 ? 23 G   C "C4'" 1 
ATOM   468 O "O4'" . G   C 1 7 ? -3.678  -7.400  -18.439 1.00 26.81 ? 23 G   C "O4'" 1 
ATOM   469 C "C3'" . G   C 1 7 ? -2.493  -7.649  -20.433 1.00 24.73 ? 23 G   C "C3'" 1 
ATOM   470 O "O3'" . G   C 1 7 ? -2.532  -7.459  -21.837 1.00 31.66 ? 23 G   C "O3'" 1 
ATOM   471 C "C2'" . G   C 1 7 ? -1.957  -6.420  -19.732 1.00 20.76 ? 23 G   C "C2'" 1 
ATOM   472 O "O2'" . G   C 1 7 ? -2.573  -5.316  -20.315 1.00 20.26 ? 23 G   C "O2'" 1 
ATOM   473 C "C1'" . G   C 1 7 ? -2.527  -6.588  -18.327 1.00 21.97 ? 23 G   C "C1'" 1 
ATOM   474 N N9    . G   C 1 7 ? -1.518  -7.265  -17.528 1.00 20.01 ? 23 G   C N9    1 
ATOM   475 C C8    . G   C 1 7 ? -1.455  -8.583  -17.136 1.00 16.71 ? 23 G   C C8    1 
ATOM   476 N N7    . G   C 1 7 ? -0.360  -8.858  -16.472 1.00 20.98 ? 23 G   C N7    1 
ATOM   477 C C5    . G   C 1 7 ? 0.327   -7.638  -16.411 1.00 18.81 ? 23 G   C C5    1 
ATOM   478 C C6    . G   C 1 7 ? 1.579   -7.294  -15.828 1.00 18.16 ? 23 G   C C6    1 
ATOM   479 O O6    . G   C 1 7 ? 2.360   -8.000  -15.202 1.00 19.41 ? 23 G   C O6    1 
ATOM   480 N N1    . G   C 1 7 ? 1.892   -5.955  -16.036 1.00 14.92 ? 23 G   C N1    1 
ATOM   481 C C2    . G   C 1 7 ? 1.098   -5.055  -16.688 1.00 15.42 ? 23 G   C C2    1 
ATOM   482 N N2    . G   C 1 7 ? 1.541   -3.794  -16.766 1.00 15.14 ? 23 G   C N2    1 
ATOM   483 N N3    . G   C 1 7 ? -0.056  -5.360  -17.224 1.00 21.23 ? 23 G   C N3    1 
ATOM   484 C C4    . G   C 1 7 ? -0.376  -6.656  -17.055 1.00 19.90 ? 23 G   C C4    1 
ATOM   485 P P     . C   C 1 8 ? -1.319  -7.988  -22.754 1.00 27.84 ? 24 C   C P     1 
ATOM   486 O OP1   . C   C 1 8 ? -1.748  -7.802  -24.159 1.00 31.31 ? 24 C   C OP1   1 
ATOM   487 O OP2   . C   C 1 8 ? -1.025  -9.352  -22.254 1.00 28.86 ? 24 C   C OP2   1 
ATOM   488 O "O5'" . C   C 1 8 ? -0.117  -6.999  -22.403 1.00 25.73 ? 24 C   C "O5'" 1 
ATOM   489 C "C5'" . C   C 1 8 ? -0.216  -5.590  -22.646 1.00 25.01 ? 24 C   C "C5'" 1 
ATOM   490 C "C4'" . C   C 1 8 ? 1.092   -4.912  -22.304 1.00 26.22 ? 24 C   C "C4'" 1 
ATOM   491 O "O4'" . C   C 1 8 ? 1.366   -5.076  -20.886 1.00 25.37 ? 24 C   C "O4'" 1 
ATOM   492 C "C3'" . C   C 1 8 ? 2.328   -5.514  -22.961 1.00 25.82 ? 24 C   C "C3'" 1 
ATOM   493 O "O3'" . C   C 1 8 ? 2.441   -5.216  -24.357 1.00 27.85 ? 24 C   C "O3'" 1 
ATOM   494 C "C2'" . C   C 1 8 ? 3.469   -5.092  -22.040 1.00 26.99 ? 24 C   C "C2'" 1 
ATOM   495 O "O2'" . C   C 1 8 ? 3.946   -3.778  -22.322 1.00 22.94 ? 24 C   C "O2'" 1 
ATOM   496 C "C1'" . C   C 1 8 ? 2.774   -5.122  -20.671 1.00 23.66 ? 24 C   C "C1'" 1 
ATOM   497 N N1    . C   C 1 8 ? 3.099   -6.251  -19.785 1.00 18.82 ? 24 C   C N1    1 
ATOM   498 C C2    . C   C 1 8 ? 4.265   -6.166  -19.033 1.00 16.30 ? 24 C   C C2    1 
ATOM   499 O O2    . C   C 1 8 ? 4.962   -5.155  -19.123 1.00 16.77 ? 24 C   C O2    1 
ATOM   500 N N3    . C   C 1 8 ? 4.602   -7.177  -18.221 1.00 14.13 ? 24 C   C N3    1 
ATOM   501 C C4    . C   C 1 8 ? 3.834   -8.251  -18.138 1.00 16.42 ? 24 C   C C4    1 
ATOM   502 N N4    . C   C 1 8 ? 4.261   -9.221  -17.339 1.00 20.74 ? 24 C   C N4    1 
ATOM   503 C C5    . C   C 1 8 ? 2.609   -8.374  -18.875 1.00 9.78  ? 24 C   C C5    1 
ATOM   504 C C6    . C   C 1 8 ? 2.284   -7.354  -19.683 1.00 16.59 ? 24 C   C C6    1 
ATOM   505 O "O5'" . G   D 2 1 ? 11.158  -6.662  -10.682 1.00 16.03 ? 25 G   D "O5'" 1 
ATOM   506 C "C5'" . G   D 2 1 ? 12.133  -5.615  -10.555 1.00 17.56 ? 25 G   D "C5'" 1 
ATOM   507 C "C4'" . G   D 2 1 ? 11.948  -4.752  -11.786 1.00 18.06 ? 25 G   D "C4'" 1 
ATOM   508 O "O4'" . G   D 2 1 ? 12.059  -5.592  -12.974 1.00 15.46 ? 25 G   D "O4'" 1 
ATOM   509 C "C3'" . G   D 2 1 ? 10.595  -4.054  -11.933 1.00 19.01 ? 25 G   D "C3'" 1 
ATOM   510 O "O3'" . G   D 2 1 ? 10.509  -2.809  -11.227 1.00 20.58 ? 25 G   D "O3'" 1 
ATOM   511 C "C2'" . G   D 2 1 ? 10.495  -3.863  -13.440 1.00 17.06 ? 25 G   D "C2'" 1 
ATOM   512 O "O2'" . G   D 2 1 ? 11.344  -2.837  -13.888 1.00 14.09 ? 25 G   D "O2'" 1 
ATOM   513 C "C1'" . G   D 2 1 ? 11.106  -5.164  -13.928 1.00 16.56 ? 25 G   D "C1'" 1 
ATOM   514 N N9    . G   D 2 1 ? 10.099  -6.210  -14.031 1.00 18.67 ? 25 G   D N9    1 
ATOM   515 C C8    . G   D 2 1 ? 10.056  -7.408  -13.338 1.00 19.33 ? 25 G   D C8    1 
ATOM   516 N N7    . G   D 2 1 ? 9.071   -8.179  -13.715 1.00 20.84 ? 25 G   D N7    1 
ATOM   517 C C5    . G   D 2 1 ? 8.406   -7.439  -14.694 1.00 19.23 ? 25 G   D C5    1 
ATOM   518 C C6    . G   D 2 1 ? 7.231   -7.752  -15.498 1.00 20.52 ? 25 G   D C6    1 
ATOM   519 O O6    . G   D 2 1 ? 6.532   -8.771  -15.498 1.00 22.61 ? 25 G   D O6    1 
ATOM   520 N N1    . G   D 2 1 ? 6.908   -6.716  -16.361 1.00 19.24 ? 25 G   D N1    1 
ATOM   521 C C2    . G   D 2 1 ? 7.601   -5.533  -16.470 1.00 20.72 ? 25 G   D C2    1 
ATOM   522 N N2    . G   D 2 1 ? 7.124   -4.669  -17.386 1.00 16.14 ? 25 G   D N2    1 
ATOM   523 N N3    . G   D 2 1 ? 8.686   -5.218  -15.731 1.00 19.81 ? 25 G   D N3    1 
ATOM   524 C C4    . G   D 2 1 ? 9.023   -6.210  -14.879 1.00 19.01 ? 25 G   D C4    1 
ATOM   525 P P     . C   D 2 2 ? 9.111   -2.356  -10.569 1.00 18.60 ? 26 C   D P     1 
ATOM   526 O OP1   . C   D 2 2 ? 9.400   -1.200  -9.704  1.00 18.63 ? 26 C   D OP1   1 
ATOM   527 O OP2   . C   D 2 2 ? 8.452   -3.562  -9.993  1.00 20.76 ? 26 C   D OP2   1 
ATOM   528 O "O5'" . C   D 2 2 ? 8.209   -1.908  -11.797 1.00 16.42 ? 26 C   D "O5'" 1 
ATOM   529 C "C5'" . C   D 2 2 ? 8.575   -0.758  -12.545 1.00 16.94 ? 26 C   D "C5'" 1 
ATOM   530 C "C4'" . C   D 2 2 ? 7.554   -0.488  -13.580 1.00 15.42 ? 26 C   D "C4'" 1 
ATOM   531 O "O4'" . C   D 2 2 ? 7.515   -1.609  -14.501 1.00 13.15 ? 26 C   D "O4'" 1 
ATOM   532 C "C3'" . C   D 2 2 ? 6.148   -0.442  -13.044 1.00 17.99 ? 26 C   D "C3'" 1 
ATOM   533 O "O3'" . C   D 2 2 ? 5.818   0.764   -12.445 1.00 19.14 ? 26 C   D "O3'" 1 
ATOM   534 C "C2'" . C   D 2 2 ? 5.305   -0.757  -14.264 1.00 20.30 ? 26 C   D "C2'" 1 
ATOM   535 O "O2'" . C   D 2 2 ? 5.035   0.384   -15.105 1.00 19.68 ? 26 C   D "O2'" 1 
ATOM   536 C "C1'" . C   D 2 2 ? 6.197   -1.805  -14.943 1.00 16.45 ? 26 C   D "C1'" 1 
ATOM   537 N N1    . C   D 2 2 ? 5.804   -3.172  -14.592 1.00 15.04 ? 26 C   D N1    1 
ATOM   538 C C2    . C   D 2 2 ? 4.774   -3.741  -15.298 1.00 17.23 ? 26 C   D C2    1 
ATOM   539 O O2    . C   D 2 2 ? 4.220   -3.074  -16.201 1.00 15.60 ? 26 C   D O2    1 
ATOM   540 N N3    . C   D 2 2 ? 4.394   -4.990  -15.004 1.00 17.45 ? 26 C   D N3    1 
ATOM   541 C C4    . C   D 2 2 ? 5.019   -5.673  -14.067 1.00 15.40 ? 26 C   D C4    1 
ATOM   542 N N4    . C   D 2 2 ? 4.617   -6.925  -13.865 1.00 19.05 ? 26 C   D N4    1 
ATOM   543 C C5    . C   D 2 2 ? 6.076   -5.120  -13.320 1.00 16.91 ? 26 C   D C5    1 
ATOM   544 C C6    . C   D 2 2 ? 6.439   -3.873  -13.611 1.00 16.86 ? 26 C   D C6    1 
ATOM   545 P P     . C   D 2 3 ? 4.702   0.765   -11.293 1.00 23.14 ? 27 C   D P     1 
ATOM   546 O OP1   . C   D 2 3 ? 4.701   2.118   -10.699 1.00 23.83 ? 27 C   D OP1   1 
ATOM   547 O OP2   . C   D 2 3 ? 4.888   -0.394  -10.435 1.00 19.31 ? 27 C   D OP2   1 
ATOM   548 O "O5'" . C   D 2 3 ? 3.344   0.533   -12.079 1.00 21.65 ? 27 C   D "O5'" 1 
ATOM   549 C "C5'" . C   D 2 3 ? 2.930   1.504   -13.055 1.00 22.56 ? 27 C   D "C5'" 1 
ATOM   550 C "C4'" . C   D 2 3 ? 1.648   1.091   -13.695 1.00 19.26 ? 27 C   D "C4'" 1 
ATOM   551 O "O4'" . C   D 2 3 ? 1.889   -0.116  -14.442 1.00 19.62 ? 27 C   D "O4'" 1 
ATOM   552 C "C3'" . C   D 2 3 ? 0.549   0.700   -12.719 1.00 19.70 ? 27 C   D "C3'" 1 
ATOM   553 O "O3'" . C   D 2 3 ? -0.182  1.796   -12.254 1.00 18.33 ? 27 C   D "O3'" 1 
ATOM   554 C "C2'" . C   D 2 3 ? -0.327  -0.211  -13.550 1.00 20.05 ? 27 C   D "C2'" 1 
ATOM   555 O "O2'" . C   D 2 3 ? -1.259  0.495   -14.366 1.00 18.90 ? 27 C   D "O2'" 1 
ATOM   556 C "C1'" . C   D 2 3 ? 0.727   -0.935  -14.378 1.00 18.96 ? 27 C   D "C1'" 1 
ATOM   557 N N1    . C   D 2 3 ? 1.074   -2.205  -13.730 1.00 14.37 ? 27 C   D N1    1 
ATOM   558 C C2    . C   D 2 3 ? 0.248   -3.289  -13.985 1.00 14.45 ? 27 C   D C2    1 
ATOM   559 O O2    . C   D 2 3 ? -0.736  -3.121  -14.702 1.00 17.87 ? 27 C   D O2    1 
ATOM   560 N N3    . C   D 2 3 ? 0.517   -4.477  -13.449 1.00 15.76 ? 27 C   D N3    1 
ATOM   561 C C4    . C   D 2 3 ? 1.572   -4.624  -12.656 1.00 14.99 ? 27 C   D C4    1 
ATOM   562 N N4    . C   D 2 3 ? 1.796   -5.839  -12.188 1.00 12.85 ? 27 C   D N4    1 
ATOM   563 C C5    . C   D 2 3 ? 2.439   -3.520  -12.331 1.00 15.68 ? 27 C   D C5    1 
ATOM   564 C C6    . C   D 2 3 ? 2.154   -2.332  -12.899 1.00 11.73 ? 27 C   D C6    1 
ATOM   565 P P     . A   D 2 4 ? -0.936  1.692   -10.846 1.00 20.88 ? 28 A   D P     1 
ATOM   566 O OP1   . A   D 2 4 ? -1.278  3.079   -10.457 1.00 22.36 ? 28 A   D OP1   1 
ATOM   567 O OP2   . A   D 2 4 ? -0.081  0.866   -9.946  1.00 22.03 ? 28 A   D OP2   1 
ATOM   568 O "O5'" . A   D 2 4 ? -2.224  0.808   -11.145 1.00 17.49 ? 28 A   D "O5'" 1 
ATOM   569 C "C5'" . A   D 2 4 ? -3.125  1.144   -12.164 1.00 17.96 ? 28 A   D "C5'" 1 
ATOM   570 C "C4'" . A   D 2 4 ? -4.168  0.081   -12.311 1.00 17.18 ? 28 A   D "C4'" 1 
ATOM   571 O "O4'" . A   D 2 4 ? -3.567  -1.087  -12.886 1.00 18.66 ? 28 A   D "O4'" 1 
ATOM   572 C "C3'" . A   D 2 4 ? -4.800  -0.409  -11.021 1.00 17.76 ? 28 A   D "C3'" 1 
ATOM   573 O "O3'" . A   D 2 4 ? -5.891  0.394   -10.631 1.00 18.13 ? 28 A   D "O3'" 1 
ATOM   574 C "C2'" . A   D 2 4 ? -5.279  -1.793  -11.404 1.00 18.28 ? 28 A   D "C2'" 1 
ATOM   575 O "O2'" . A   D 2 4 ? -6.488  -1.746  -12.110 1.00 16.75 ? 28 A   D "O2'" 1 
ATOM   576 C "C1'" . A   D 2 4 ? -4.165  -2.248  -12.342 1.00 15.82 ? 28 A   D "C1'" 1 
ATOM   577 N N9    . A   D 2 4 ? -3.125  -2.981  -11.630 1.00 17.04 ? 28 A   D N9    1 
ATOM   578 C C8    . A   D 2 4 ? -1.936  -2.515  -11.108 1.00 15.70 ? 28 A   D C8    1 
ATOM   579 N N7    . A   D 2 4 ? -1.208  -3.439  -10.548 1.00 14.03 ? 28 A   D N7    1 
ATOM   580 C C5    . A   D 2 4 ? -1.972  -4.591  -10.709 1.00 15.33 ? 28 A   D C5    1 
ATOM   581 C C6    . A   D 2 4 ? -1.755  -5.922  -10.352 1.00 19.51 ? 28 A   D C6    1 
ATOM   582 N N6    . A   D 2 4 ? -0.648  -6.357  -9.747  1.00 20.78 ? 28 A   D N6    1 
ATOM   583 N N1    . A   D 2 4 ? -2.734  -6.815  -10.646 1.00 17.29 ? 28 A   D N1    1 
ATOM   584 C C2    . A   D 2 4 ? -3.847  -6.384  -11.252 1.00 14.72 ? 28 A   D C2    1 
ATOM   585 N N3    . A   D 2 4 ? -4.154  -5.167  -11.649 1.00 14.73 ? 28 A   D N3    1 
ATOM   586 C C4    . A   D 2 4 ? -3.158  -4.311  -11.352 1.00 15.68 ? 28 A   D C4    1 
ATOM   587 P P     . DC  D 2 5 ? -6.197  0.600   -9.074  1.00 20.09 ? 29 DC  D P     1 
ATOM   588 O OP1   . DC  D 2 5 ? -7.145  1.720   -8.865  1.00 21.59 ? 29 DC  D OP1   1 
ATOM   589 O OP2   . DC  D 2 5 ? -4.906  0.596   -8.354  1.00 19.33 ? 29 DC  D OP2   1 
ATOM   590 O "O5'" . DC  D 2 5 ? -6.885  -0.780  -8.696  1.00 17.97 ? 29 DC  D "O5'" 1 
ATOM   591 C "C5'" . DC  D 2 5 ? -8.217  -1.046  -9.094  1.00 16.52 ? 29 DC  D "C5'" 1 
ATOM   592 C "C4'" . DC  D 2 5 ? -8.512  -2.505  -8.888  1.00 17.03 ? 29 DC  D "C4'" 1 
ATOM   593 O "O4'" . DC  D 2 5 ? -7.437  -3.296  -9.464  1.00 21.53 ? 29 DC  D "O4'" 1 
ATOM   594 C "C3'" . DC  D 2 5 ? -8.492  -2.887  -7.413  1.00 14.94 ? 29 DC  D "C3'" 1 
ATOM   595 O "O3'" . DC  D 2 5 ? -9.752  -2.589  -6.805  1.00 14.75 ? 29 DC  D "O3'" 1 
ATOM   596 C "C2'" . DC  D 2 5 ? -8.186  -4.377  -7.463  1.00 15.88 ? 29 DC  D "C2'" 1 
ATOM   597 C "C1'" . DC  D 2 5 ? -7.251  -4.480  -8.667  1.00 16.52 ? 29 DC  D "C1'" 1 
ATOM   598 N N1    . DC  D 2 5 ? -5.841  -4.594  -8.302  1.00 15.95 ? 29 DC  D N1    1 
ATOM   599 C C2    . DC  D 2 5 ? -5.389  -5.866  -7.973  1.00 13.12 ? 29 DC  D C2    1 
ATOM   600 O O2    . DC  D 2 5 ? -6.197  -6.792  -7.978  1.00 15.82 ? 29 DC  D O2    1 
ATOM   601 N N3    . DC  D 2 5 ? -4.118  -6.048  -7.646  1.00 11.07 ? 29 DC  D N3    1 
ATOM   602 C C4    . DC  D 2 5 ? -3.288  -5.014  -7.605  1.00 12.14 ? 29 DC  D C4    1 
ATOM   603 N N4    . DC  D 2 5 ? -2.059  -5.269  -7.244  1.00 10.28 ? 29 DC  D N4    1 
ATOM   604 C C5    . DC  D 2 5 ? -3.707  -3.680  -7.928  1.00 10.48 ? 29 DC  D C5    1 
ATOM   605 C C6    . DC  D 2 5 ? -4.987  -3.518  -8.269  1.00 14.70 ? 29 DC  D C6    1 
ATOM   606 P P     . DT  D 2 6 ? -9.861  -2.580  -5.200  1.00 17.86 ? 30 DT  D P     1 
ATOM   607 O OP1   . DT  D 2 6 ? -11.206 -2.093  -4.791  1.00 18.46 ? 30 DT  D OP1   1 
ATOM   608 O OP2   . DT  D 2 6 ? -8.663  -1.840  -4.802  1.00 20.90 ? 30 DT  D OP2   1 
ATOM   609 O "O5'" . DT  D 2 6 ? -9.596  -4.121  -4.767  1.00 15.61 ? 30 DT  D "O5'" 1 
ATOM   610 C "C5'" . DT  D 2 6 ? -10.555 -5.152  -5.027  1.00 13.48 ? 30 DT  D "C5'" 1 
ATOM   611 C "C4'" . DT  D 2 6 ? -10.133 -6.478  -4.423  1.00 12.07 ? 30 DT  D "C4'" 1 
ATOM   612 O "O4'" . DT  D 2 6 ? -9.027  -7.048  -5.143  1.00 20.14 ? 30 DT  D "O4'" 1 
ATOM   613 C "C3'" . DT  D 2 6 ? -9.625  -6.461  -2.989  1.00 11.62 ? 30 DT  D "C3'" 1 
ATOM   614 O "O3'" . DT  D 2 6 ? -10.682 -6.449  -2.057  1.00 14.40 ? 30 DT  D "O3'" 1 
ATOM   615 C "C2'" . DT  D 2 6 ? -8.818  -7.747  -2.892  1.00 9.94  ? 30 DT  D "C2'" 1 
ATOM   616 C "C1'" . DT  D 2 6 ? -8.197  -7.824  -4.261  1.00 14.34 ? 30 DT  D "C1'" 1 
ATOM   617 N N1    . DT  D 2 6 ? -6.864  -7.223  -4.235  1.00 13.71 ? 30 DT  D N1    1 
ATOM   618 C C2    . DT  D 2 6 ? -5.781  -8.054  -3.983  1.00 15.66 ? 30 DT  D C2    1 
ATOM   619 O O2    . DT  D 2 6 ? -5.878  -9.260  -3.794  1.00 19.41 ? 30 DT  D O2    1 
ATOM   620 N N3    . DT  D 2 6 ? -4.587  -7.422  -3.959  1.00 11.84 ? 30 DT  D N3    1 
ATOM   621 C C4    . DT  D 2 6 ? -4.363  -6.076  -4.147  1.00 11.20 ? 30 DT  D C4    1 
ATOM   622 O O4    . DT  D 2 6 ? -3.227  -5.652  -4.095  1.00 13.00 ? 30 DT  D O4    1 
ATOM   623 C C5    . DT  D 2 6 ? -5.528  -5.265  -4.389  1.00 12.12 ? 30 DT  D C5    1 
ATOM   624 C C7    . DT  D 2 6 ? -5.368  -3.791  -4.590  1.00 10.58 ? 30 DT  D C7    1 
ATOM   625 C C6    . DT  D 2 6 ? -6.712  -5.880  -4.428  1.00 13.76 ? 30 DT  D C6    1 
ATOM   626 P P     . DG  D 2 7 ? -10.444 -5.826  -0.594  1.00 19.24 ? 31 DG  D P     1 
ATOM   627 O OP1   . DG  D 2 7 ? -11.775 -5.621  -0.032  1.00 17.15 ? 31 DG  D OP1   1 
ATOM   628 O OP2   . DG  D 2 7 ? -9.504  -4.681  -0.656  1.00 19.24 ? 31 DG  D OP2   1 
ATOM   629 O "O5'" . DG  D 2 7 ? -9.686  -6.998  0.180   1.00 15.10 ? 31 DG  D "O5'" 1 
ATOM   630 C "C5'" . DG  D 2 7 ? -10.325 -8.246  0.343   1.00 14.87 ? 31 DG  D "C5'" 1 
ATOM   631 C "C4'" . DG  D 2 7 ? -9.394  -9.227  1.006   1.00 15.31 ? 31 DG  D "C4'" 1 
ATOM   632 O "O4'" . DG  D 2 7 ? -8.306  -9.551  0.108   1.00 13.86 ? 31 DG  D "O4'" 1 
ATOM   633 C "C3'" . DG  D 2 7 ? -8.709  -8.724  2.270   1.00 15.27 ? 31 DG  D "C3'" 1 
ATOM   634 O "O3'" . DG  D 2 7 ? -9.538  -8.817  3.434   1.00 15.87 ? 31 DG  D "O3'" 1 
ATOM   635 C "C2'" . DG  D 2 7 ? -7.487  -9.622  2.350   1.00 16.14 ? 31 DG  D "C2'" 1 
ATOM   636 C "C1'" . DG  D 2 7 ? -7.117  -9.800  0.869   1.00 14.09 ? 31 DG  D "C1'" 1 
ATOM   637 N N9    . DG  D 2 7 ? -6.084  -8.878  0.407   1.00 17.24 ? 31 DG  D N9    1 
ATOM   638 C C8    . DG  D 2 7 ? -6.296  -7.650  -0.167  1.00 14.26 ? 31 DG  D C8    1 
ATOM   639 N N7    . DG  D 2 7 ? -5.195  -7.040  -0.496  1.00 13.33 ? 31 DG  D N7    1 
ATOM   640 C C5    . DG  D 2 7 ? -4.176  -7.921  -0.127  1.00 14.78 ? 31 DG  D C5    1 
ATOM   641 C C6    . DG  D 2 7 ? -2.755  -7.805  -0.269  1.00 21.03 ? 31 DG  D C6    1 
ATOM   642 O O6    . DG  D 2 7 ? -2.103  -6.872  -0.776  1.00 17.26 ? 31 DG  D O6    1 
ATOM   643 N N1    . DG  D 2 7 ? -2.088  -8.924  0.239   1.00 15.37 ? 31 DG  D N1    1 
ATOM   644 C C2    . DG  D 2 7 ? -2.697  -10.023 0.783   1.00 14.34 ? 31 DG  D C2    1 
ATOM   645 N N2    . DG  D 2 7 ? -1.849  -11.001 1.171   1.00 9.49  ? 31 DG  D N2    1 
ATOM   646 N N3    . DG  D 2 7 ? -4.027  -10.148 0.924   1.00 11.28 ? 31 DG  D N3    1 
ATOM   647 C C4    . DG  D 2 7 ? -4.698  -9.059  0.447   1.00 16.67 ? 31 DG  D C4    1 
ATOM   648 P P     . DC  D 2 8 ? -9.485  -7.653  4.557   1.00 16.36 ? 32 DC  D P     1 
ATOM   649 O OP1   . DC  D 2 8 ? -10.510 -7.983  5.530   1.00 17.41 ? 32 DC  D OP1   1 
ATOM   650 O OP2   . DC  D 2 8 ? -9.494  -6.316  3.909   1.00 19.68 ? 32 DC  D OP2   1 
ATOM   651 O "O5'" . DC  D 2 8 ? -8.051  -7.781  5.224   1.00 13.80 ? 32 DC  D "O5'" 1 
ATOM   652 C "C5'" . DC  D 2 8 ? -7.753  -8.859  6.070   1.00 15.87 ? 32 DC  D "C5'" 1 
ATOM   653 C "C4'" . DC  D 2 8 ? -6.291  -8.873  6.456   1.00 14.43 ? 32 DC  D "C4'" 1 
ATOM   654 O "O4'" . DC  D 2 8 ? -5.466  -9.042  5.288   1.00 14.74 ? 32 DC  D "O4'" 1 
ATOM   655 C "C3'" . DC  D 2 8 ? -5.720  -7.610  7.093   1.00 15.72 ? 32 DC  D "C3'" 1 
ATOM   656 O "O3'" . DC  D 2 8 ? -6.020  -7.463  8.457   1.00 20.44 ? 32 DC  D "O3'" 1 
ATOM   657 C "C2'" . DC  D 2 8 ? -4.230  -7.778  6.857   1.00 11.01 ? 32 DC  D "C2'" 1 
ATOM   658 C "C1'" . DC  D 2 8 ? -4.204  -8.426  5.492   1.00 10.93 ? 32 DC  D "C1'" 1 
ATOM   659 N N1    . DC  D 2 8 ? -3.990  -7.452  4.431   1.00 16.59 ? 32 DC  D N1    1 
ATOM   660 C C2    . DC  D 2 8 ? -2.664  -7.150  4.055   1.00 13.18 ? 32 DC  D C2    1 
ATOM   661 O O2    . DC  D 2 8 ? -1.738  -7.734  4.620   1.00 19.62 ? 32 DC  D O2    1 
ATOM   662 N N3    . DC  D 2 8 ? -2.441  -6.228  3.097   1.00 15.53 ? 32 DC  D N3    1 
ATOM   663 C C4    . DC  D 2 8 ? -3.476  -5.611  2.523   1.00 12.40 ? 32 DC  D C4    1 
ATOM   664 N N4    . DC  D 2 8 ? -3.216  -4.708  1.600   1.00 15.79 ? 32 DC  D N4    1 
ATOM   665 C C5    . DC  D 2 8 ? -4.828  -5.902  2.878   1.00 14.13 ? 32 DC  D C5    1 
ATOM   666 C C6    . DC  D 2 8 ? -5.039  -6.826  3.828   1.00 13.72 ? 32 DC  D C6    1 
HETATM 667 O O     . HOH E 3 . ? -0.138  8.428   1.568   1.00 14.74 ? 16 HOH A O     1 
HETATM 668 O O     . HOH E 3 . ? -13.111 10.393  12.598  1.00 20.70 ? 18 HOH A O     1 
HETATM 669 O O     . HOH E 3 . ? 1.512   5.647   4.361   1.00 33.13 ? 19 HOH A O     1 
HETATM 670 O O     . HOH E 3 . ? 10.364  9.114   -2.424  1.00 36.58 ? 27 HOH A O     1 
HETATM 671 O O     . HOH E 3 . ? -9.288  13.118  6.930   1.00 31.87 ? 35 HOH A O     1 
HETATM 672 O O     . HOH E 3 . ? 10.150  -1.375  -0.629  1.00 31.27 ? 37 HOH A O     1 
HETATM 673 O O     . HOH E 3 . ? 2.635   3.274   3.177   1.00 26.19 ? 39 HOH A O     1 
HETATM 674 O O     . HOH E 3 . ? 7.932   11.382  6.715   1.00 27.94 ? 40 HOH A O     1 
HETATM 675 O O     . HOH E 3 . ? -13.887 8.654   10.059  1.00 30.86 ? 42 HOH A O     1 
HETATM 676 O O     . HOH E 3 . ? -6.841  5.215   7.827   1.00 48.03 ? 55 HOH A O     1 
HETATM 677 O O     . HOH E 3 . ? 9.600   -7.009  3.788   1.00 25.48 ? 56 HOH A O     1 
HETATM 678 O O     . HOH E 3 . ? 5.848   4.340   1.631   1.00 32.81 ? 59 HOH A O     1 
HETATM 679 O O     . HOH E 3 . ? -6.231  4.779   12.666  1.00 46.36 ? 64 HOH A O     1 
HETATM 680 O O     . HOH E 3 . ? -4.450  6.176   5.065   1.00 37.75 ? 69 HOH A O     1 
HETATM 681 O O     . HOH E 3 . ? -0.422  6.068   8.860   1.00 36.67 ? 72 HOH A O     1 
HETATM 682 O O     . HOH E 3 . ? 3.272   6.521   2.532   1.00 43.70 ? 75 HOH A O     1 
HETATM 683 O O     . HOH E 3 . ? 10.703  5.330   8.620   1.00 43.08 ? 76 HOH A O     1 
HETATM 684 O O     . HOH E 3 . ? 8.425   5.346   -2.054  1.00 43.16 ? 77 HOH A O     1 
HETATM 685 O O     . HOH E 3 . ? 3.328   8.063   -0.158  1.00 47.92 ? 79 HOH A O     1 
HETATM 686 O O     . HOH F 3 . ? -0.473  0.604   10.423  1.00 31.42 ? 17 HOH B O     1 
HETATM 687 O O     . HOH F 3 . ? 1.989   -5.973  7.455   1.00 20.07 ? 18 HOH B O     1 
HETATM 688 O O     . HOH F 3 . ? -2.432  9.971   13.802  1.00 29.10 ? 19 HOH B O     1 
HETATM 689 O O     . HOH F 3 . ? 2.543   -6.500  10.677  1.00 27.00 ? 20 HOH B O     1 
HETATM 690 O O     . HOH F 3 . ? -4.090  15.026  15.558  1.00 43.95 ? 21 HOH B O     1 
HETATM 691 O O     . HOH F 3 . ? -3.406  0.105   6.263   1.00 28.01 ? 22 HOH B O     1 
HETATM 692 O O     . HOH F 3 . ? -8.034  -0.999  7.879   1.00 33.88 ? 23 HOH B O     1 
HETATM 693 O O     . HOH F 3 . ? -3.586  -5.884  10.094  1.00 40.46 ? 24 HOH B O     1 
HETATM 694 O O     . HOH F 3 . ? 0.961   1.336   1.250   1.00 47.11 ? 25 HOH B O     1 
HETATM 695 O O     . HOH F 3 . ? 2.912   6.831   14.707  1.00 27.39 ? 26 HOH B O     1 
HETATM 696 O O     . HOH F 3 . ? -0.413  2.572   8.728   1.00 33.73 ? 27 HOH B O     1 
HETATM 697 O O     . HOH F 3 . ? -1.318  1.920   4.766   1.00 31.16 ? 28 HOH B O     1 
HETATM 698 O O     . HOH F 3 . ? -11.167 20.489  7.245   1.00 27.14 ? 29 HOH B O     1 
HETATM 699 O O     . HOH F 3 . ? -1.297  -0.916  0.517   1.00 30.92 ? 30 HOH B O     1 
HETATM 700 O O     . HOH F 3 . ? -4.940  2.109   9.986   1.00 37.27 ? 31 HOH B O     1 
HETATM 701 O O     . HOH F 3 . ? 10.709  5.779   12.338  1.00 39.00 ? 32 HOH B O     1 
HETATM 702 O O     . HOH F 3 . ? 1.471   15.294  15.923  1.00 48.00 ? 33 HOH B O     1 
HETATM 703 O O     . HOH F 3 . ? -9.250  22.544  10.994  1.00 41.13 ? 34 HOH B O     1 
HETATM 704 O O     . HOH F 3 . ? -0.549  13.785  14.073  1.00 45.87 ? 35 HOH B O     1 
HETATM 705 O O     . HOH F 3 . ? 2.470   -4.936  14.112  1.00 44.65 ? 36 HOH B O     1 
HETATM 706 O O     . HOH F 3 . ? 9.338   9.186   10.860  1.00 40.54 ? 37 HOH B O     1 
HETATM 707 O O     . HOH G 3 . ? 2.514   -7.999  -25.330 1.00 21.27 ? 25 HOH C O     1 
HETATM 708 O O     . HOH G 3 . ? -1.205  -14.650 -11.991 1.00 32.71 ? 26 HOH C O     1 
HETATM 709 O O     . HOH G 3 . ? 6.098   -13.175 3.851   1.00 22.36 ? 27 HOH C O     1 
HETATM 710 O O     . HOH G 3 . ? -8.594  -10.288 -12.361 1.00 31.71 ? 28 HOH C O     1 
HETATM 711 O O     . HOH G 3 . ? 0.986   -13.631 -8.555  1.00 28.26 ? 29 HOH C O     1 
HETATM 712 O O     . HOH G 3 . ? 2.531   -10.163 -14.140 1.00 34.89 ? 30 HOH C O     1 
HETATM 713 O O     . HOH G 3 . ? -2.348  -13.582 -1.521  1.00 16.59 ? 31 HOH C O     1 
HETATM 714 O O     . HOH G 3 . ? 5.776   -5.123  -2.041  1.00 29.23 ? 32 HOH C O     1 
HETATM 715 O O     . HOH G 3 . ? 1.526   -7.858  -6.885  1.00 27.92 ? 33 HOH C O     1 
HETATM 716 O O     . HOH G 3 . ? 2.744   -7.196  -4.472  1.00 32.66 ? 34 HOH C O     1 
HETATM 717 O O     . HOH G 3 . ? 0.222   -11.518 -12.562 1.00 31.75 ? 35 HOH C O     1 
HETATM 718 O O     . HOH G 3 . ? 3.642   -17.906 -2.528  1.00 32.33 ? 36 HOH C O     1 
HETATM 719 O O     . HOH G 3 . ? -1.633  -12.967 -16.060 1.00 41.21 ? 37 HOH C O     1 
HETATM 720 O O     . HOH G 3 . ? -8.399  -14.961 -11.308 1.00 30.79 ? 38 HOH C O     1 
HETATM 721 O O     . HOH G 3 . ? 5.510   -17.418 -5.251  1.00 37.63 ? 39 HOH C O     1 
HETATM 722 O O     . HOH G 3 . ? 5.155   -10.040 -2.161  1.00 27.01 ? 40 HOH C O     1 
HETATM 723 O O     . HOH G 3 . ? -5.264  -3.039  -16.388 1.00 31.41 ? 41 HOH C O     1 
HETATM 724 O O     . HOH G 3 . ? -4.977  -18.192 -6.369  1.00 35.74 ? 42 HOH C O     1 
HETATM 725 O O     . HOH G 3 . ? 1.477   -4.651  -2.573  1.00 42.44 ? 43 HOH C O     1 
HETATM 726 O O     . HOH H 3 . ? -5.288  -4.420  -1.007  1.00 12.57 ? 33 HOH D O     1 
HETATM 727 O O     . HOH H 3 . ? 6.150   3.651   -12.563 1.00 17.93 ? 34 HOH D O     1 
HETATM 728 O O     . HOH H 3 . ? -8.776  -8.114  -7.930  1.00 18.54 ? 35 HOH D O     1 
HETATM 729 O O     . HOH H 3 . ? 12.959  -1.740  -11.997 1.00 21.45 ? 36 HOH D O     1 
HETATM 730 O O     . HOH H 3 . ? -7.905  -3.347  -2.313  1.00 20.00 ? 37 HOH D O     1 
HETATM 731 O O     . HOH H 3 . ? -2.386  -4.070  -1.579  1.00 16.74 ? 38 HOH D O     1 
HETATM 732 O O     . HOH H 3 . ? -0.501  3.901   -14.614 1.00 36.88 ? 39 HOH D O     1 
HETATM 733 O O     . HOH H 3 . ? -8.111  -4.865  2.048   1.00 17.76 ? 40 HOH D O     1 
HETATM 734 O O     . HOH H 3 . ? -10.064 -6.921  7.963   1.00 43.58 ? 41 HOH D O     1 
HETATM 735 O O     . HOH H 3 . ? 6.227   -8.361  -11.565 1.00 22.82 ? 42 HOH D O     1 
HETATM 736 O O     . HOH H 3 . ? 12.198  -0.161  -9.143  1.00 28.31 ? 43 HOH D O     1 
HETATM 737 O O     . HOH H 3 . ? -13.338 -7.951  5.670   1.00 27.72 ? 44 HOH D O     1 
HETATM 738 O O     . HOH H 3 . ? -12.006 -5.468  2.873   1.00 27.87 ? 45 HOH D O     1 
HETATM 739 O O     . HOH H 3 . ? -1.170  -7.269  6.827   1.00 30.63 ? 46 HOH D O     1 
HETATM 740 O O     . HOH H 3 . ? 4.204   -5.591  -10.114 1.00 36.19 ? 47 HOH D O     1 
HETATM 741 O O     . HOH H 3 . ? 1.646   -4.926  -8.850  1.00 29.02 ? 48 HOH D O     1 
HETATM 742 O O     . HOH H 3 . ? -9.269  1.555   -11.281 1.00 24.10 ? 49 HOH D O     1 
HETATM 743 O O     . HOH H 3 . ? -11.378 -0.418  -2.612  1.00 34.96 ? 50 HOH D O     1 
HETATM 744 O O     . HOH H 3 . ? -7.408  0.662   -4.914  1.00 31.01 ? 51 HOH D O     1 
HETATM 745 O O     . HOH H 3 . ? 12.574  -8.154  -8.282  1.00 29.31 ? 52 HOH D O     1 
HETATM 746 O O     . HOH H 3 . ? -3.068  3.732   -7.830  1.00 44.75 ? 53 HOH D O     1 
HETATM 747 O O     . HOH H 3 . ? 6.023   -3.192  -10.408 1.00 26.11 ? 54 HOH D O     1 
HETATM 748 O O     . HOH H 3 . ? -14.435 -6.529  -1.848  1.00 36.10 ? 55 HOH D O     1 
HETATM 749 O O     . HOH H 3 . ? -6.568  -10.075 10.874  1.00 45.92 ? 56 HOH D O     1 
HETATM 750 O O     . HOH H 3 . ? 7.426   0.593   -8.307  1.00 44.38 ? 57 HOH D O     1 
# 
